data_7RYN
#
_entry.id   7RYN
#
_cell.length_a   234.633
_cell.length_b   42.206
_cell.length_c   123.065
_cell.angle_alpha   90.000
_cell.angle_beta   114.288
_cell.angle_gamma   90.000
#
_symmetry.space_group_name_H-M   'C 1 2 1'
#
loop_
_entity.id
_entity.type
_entity.pdbx_description
1 polymer 'T-cell surface glycoprotein CD1a'
2 polymer Beta-2-microglobulin
3 polymer 'T cell receptor gamma variable 4,T cell receptor beta constant 1'
4 polymer 'T cell receptor delta variable 1,T cell receptor alpha chain constant'
5 non-polymer (15Z)-N-((1S,2R,3E)-2-HYDROXY-1-{[(3-O-SULFO-BETA-D-GALACTOPYRANOSYL)OXY]METHYL}HEPTADEC-3-ENYL)TETRACOS-15-ENAMIDE
6 non-polymer 1,2-ETHANEDIOL
7 non-polymer 2-acetamido-2-deoxy-beta-D-glucopyranose
8 non-polymer DI(HYDROXYETHYL)ETHER
9 non-polymer 'SULFATE ION'
10 water water
#
loop_
_entity_poly.entity_id
_entity_poly.type
_entity_poly.pdbx_seq_one_letter_code
_entity_poly.pdbx_strand_id
1 'polypeptide(L)'
;DAATGLKEPLSFHVIWIASFYNHSWKQNLVSGWLSDLQTHTWDSNSSTIVFLWPWSRGNFSNEEWKELETLFRIRTIRSF
EGIRRYAHELQFEYPFEIQVTGGCELHSGKVSGSFLQLAYQGSDFVSFQNNSWLPYPVAGNMAKHFCKVLNQNQHENDIT
HNLLSDTCPRFILGLLDAGKAHLQRQVKPEAWLSHGPSPGPGHLQLVCHVSGFYPKPVWVMWMRGEQEQQGTQRGDILPS
ADGTWYLRATLEVAAGEAADLSCRVKHSSLEGQDIVLYWEGSLVPR
;
A
2 'polypeptide(L)'
;DAGIQRTPKIQVYSRHPAENGKSNFLNCYVSGFHPSDIEVDLLKNGERIEKVEHSDLSFSKDWSFYLLYYTEFTPTEKDE
YACRVNHVTLSQPKIVKWDRDMGSLVPR
;
B
3 'polypeptide(L)'
;MASSNLEGRTKSVIRQTGSSAEITCDLAEGSTGYIHWYLHQEGKAPQRLLYYDSYTSSVVLESGISPGKYDTYGSTRKNL
RMILRNLIENDSGVYYCATWDGDYYKKLFGSGTTLVVTEDLKNVFPPEVAVFEPSEAEISHTQKATLVCLATGFYPDHVE
LSWWVNGKEVHSGVCTDPQPLKEQPALNDSRYALSSRLRVSATFWQNPRNHFRCQVQFYGLSENDEWTQDRAKPVTQIVS
AEAWGRAD
;
C
4 'polypeptide(L)'
;MAQKVTQAQSSVSMPVRKAVTLNCLYETSWWSYYIFWYKQLPSKEMIFLIRQGSDEQNAKSGRYSVNFKKAAKSVALTIS
ALQLEDSAKYFCALGELRWPDKLIFGKGTRVTVEPNIQNPDPAVYQLRDSKSSDKSVCLFTDFDSQTNVSQSKDSDVYIT
DKCVLDMRSMDFKSNSAVAWSNKSDFACANAFNNSIIPEDTFFPSPESS
;
D
#
# COMPACT_ATOMS: atom_id res chain seq x y z
N PRO A 9 -21.98 34.23 19.22
CA PRO A 9 -21.78 32.84 18.82
C PRO A 9 -20.63 32.17 19.56
N LEU A 10 -20.62 32.29 20.88
CA LEU A 10 -19.61 31.64 21.71
C LEU A 10 -19.95 30.17 21.83
N SER A 11 -19.27 29.33 21.06
CA SER A 11 -19.57 27.92 20.97
C SER A 11 -18.35 27.09 21.34
N PHE A 12 -18.57 26.04 22.13
CA PHE A 12 -17.56 25.05 22.44
C PHE A 12 -17.96 23.73 21.78
N HIS A 13 -17.02 23.11 21.07
CA HIS A 13 -17.32 21.89 20.33
C HIS A 13 -16.11 20.96 20.30
N VAL A 14 -16.40 19.66 20.26
CA VAL A 14 -15.40 18.62 20.09
C VAL A 14 -15.47 18.13 18.65
N ILE A 15 -14.30 18.03 18.01
CA ILE A 15 -14.19 17.53 16.65
C ILE A 15 -13.48 16.18 16.67
N TRP A 16 -13.93 15.28 15.81
CA TRP A 16 -13.42 13.94 15.64
C TRP A 16 -13.10 13.74 14.17
N ILE A 17 -11.87 13.33 13.87
CA ILE A 17 -11.42 13.09 12.51
C ILE A 17 -10.93 11.66 12.44
N ALA A 18 -11.57 10.84 11.60
CA ALA A 18 -11.16 9.47 11.40
C ALA A 18 -10.83 9.28 9.92
N SER A 19 -9.58 8.97 9.63
CA SER A 19 -9.11 8.82 8.25
C SER A 19 -8.79 7.35 8.02
N PHE A 20 -9.40 6.76 6.99
CA PHE A 20 -9.18 5.36 6.64
C PHE A 20 -8.58 5.35 5.23
N TYR A 21 -7.25 5.25 5.16
CA TYR A 21 -6.56 5.25 3.87
C TYR A 21 -6.66 3.90 3.19
N ASN A 22 -6.15 2.85 3.82
CA ASN A 22 -6.27 1.48 3.38
C ASN A 22 -6.68 0.62 4.56
N HIS A 23 -6.75 -0.70 4.33
CA HIS A 23 -7.17 -1.60 5.39
C HIS A 23 -6.16 -1.71 6.52
N SER A 24 -4.96 -1.14 6.37
CA SER A 24 -3.93 -1.25 7.39
C SER A 24 -3.77 0.00 8.23
N TRP A 25 -4.02 1.17 7.68
CA TRP A 25 -3.73 2.45 8.35
C TRP A 25 -5.01 3.23 8.55
N LYS A 26 -5.37 3.44 9.82
CA LYS A 26 -6.54 4.22 10.20
C LYS A 26 -6.12 5.16 11.33
N GLN A 27 -6.33 6.47 11.13
CA GLN A 27 -5.90 7.47 12.09
C GLN A 27 -7.11 8.15 12.73
N ASN A 28 -7.01 8.39 14.04
CA ASN A 28 -8.07 8.98 14.84
C ASN A 28 -7.55 10.21 15.56
N LEU A 29 -8.31 11.30 15.49
CA LEU A 29 -7.94 12.54 16.19
C LEU A 29 -9.17 13.11 16.86
N VAL A 30 -9.04 13.44 18.15
CA VAL A 30 -10.10 14.06 18.93
C VAL A 30 -9.56 15.34 19.54
N SER A 31 -10.28 16.44 19.37
CA SER A 31 -9.83 17.69 19.97
C SER A 31 -11.02 18.55 20.37
N GLY A 32 -10.77 19.47 21.29
CA GLY A 32 -11.80 20.37 21.79
C GLY A 32 -11.46 21.81 21.48
N TRP A 33 -12.47 22.58 21.08
CA TRP A 33 -12.27 23.93 20.58
C TRP A 33 -13.29 24.87 21.17
N LEU A 34 -12.81 26.00 21.70
CA LEU A 34 -13.64 27.16 21.97
C LEU A 34 -13.58 28.03 20.72
N SER A 35 -14.58 27.88 19.85
CA SER A 35 -14.59 28.52 18.54
C SER A 35 -13.31 28.26 17.77
N ASP A 36 -12.55 29.32 17.48
CA ASP A 36 -11.33 29.19 16.70
C ASP A 36 -10.16 28.66 17.52
N LEU A 37 -10.22 28.73 18.85
CA LEU A 37 -9.11 28.37 19.70
C LEU A 37 -9.22 26.90 20.11
N GLN A 38 -8.08 26.21 20.15
CA GLN A 38 -8.03 24.82 20.58
C GLN A 38 -7.62 24.76 22.04
N THR A 39 -8.39 24.04 22.85
CA THR A 39 -8.18 24.00 24.29
C THR A 39 -7.95 22.60 24.86
N HIS A 40 -8.37 21.55 24.17
CA HIS A 40 -8.21 20.18 24.65
C HIS A 40 -7.66 19.30 23.53
N THR A 41 -7.07 18.17 23.94
CA THR A 41 -6.62 17.16 23.00
C THR A 41 -6.79 15.80 23.65
N TRP A 42 -6.92 14.77 22.84
CA TRP A 42 -7.02 13.40 23.34
C TRP A 42 -5.71 12.66 23.11
N ASP A 43 -5.29 11.88 24.12
CA ASP A 43 -4.09 11.07 24.04
C ASP A 43 -4.51 9.61 24.11
N SER A 44 -4.32 8.88 23.01
CA SER A 44 -4.67 7.46 22.97
C SER A 44 -3.69 6.61 23.78
N ASN A 45 -2.41 7.00 23.78
CA ASN A 45 -1.41 6.24 24.52
C ASN A 45 -1.75 6.18 26.00
N SER A 46 -1.99 7.34 26.61
CA SER A 46 -2.44 7.40 27.99
C SER A 46 -3.95 7.43 28.12
N SER A 47 -4.67 7.55 27.01
CA SER A 47 -6.13 7.64 27.01
C SER A 47 -6.60 8.75 27.94
N THR A 48 -5.98 9.92 27.82
CA THR A 48 -6.20 11.03 28.72
C THR A 48 -6.57 12.29 27.97
N ILE A 49 -7.29 13.17 28.63
CA ILE A 49 -7.68 14.46 28.06
C ILE A 49 -6.61 15.47 28.44
N VAL A 50 -5.73 15.77 27.49
CA VAL A 50 -4.67 16.75 27.71
C VAL A 50 -5.25 18.15 27.62
N PHE A 51 -5.01 18.95 28.65
CA PHE A 51 -5.48 20.32 28.71
C PHE A 51 -4.39 21.24 28.18
N LEU A 52 -4.73 22.06 27.18
CA LEU A 52 -3.76 22.92 26.54
C LEU A 52 -3.56 24.25 27.27
N TRP A 53 -4.41 24.55 28.25
CA TRP A 53 -4.30 25.75 29.05
C TRP A 53 -4.65 25.41 30.50
N PRO A 54 -4.13 26.16 31.47
CA PRO A 54 -4.49 25.90 32.87
C PRO A 54 -5.98 26.01 33.14
N TRP A 55 -6.67 26.89 32.44
CA TRP A 55 -8.12 27.06 32.58
C TRP A 55 -8.91 26.11 31.69
N SER A 56 -8.24 25.24 30.93
CA SER A 56 -8.96 24.28 30.09
C SER A 56 -9.74 23.28 30.92
N ARG A 57 -9.34 23.05 32.17
CA ARG A 57 -10.14 22.27 33.10
C ARG A 57 -11.46 22.95 33.43
N GLY A 58 -11.58 24.24 33.15
CA GLY A 58 -12.83 24.96 33.30
C GLY A 58 -13.34 25.06 34.72
N ASN A 59 -14.39 24.30 35.03
CA ASN A 59 -15.09 24.43 36.29
C ASN A 59 -15.37 23.08 36.93
N PHE A 60 -15.10 21.98 36.24
CA PHE A 60 -15.40 20.66 36.75
C PHE A 60 -14.29 20.16 37.68
N SER A 61 -14.63 19.13 38.44
CA SER A 61 -13.70 18.53 39.39
C SER A 61 -12.86 17.44 38.72
N ASN A 62 -11.90 16.91 39.47
CA ASN A 62 -11.05 15.85 38.95
C ASN A 62 -11.85 14.57 38.71
N GLU A 63 -12.81 14.26 39.59
CA GLU A 63 -13.62 13.06 39.41
C GLU A 63 -14.46 13.15 38.14
N GLU A 64 -15.08 14.31 37.90
CA GLU A 64 -15.87 14.49 36.69
C GLU A 64 -15.00 14.37 35.45
N TRP A 65 -13.78 14.92 35.49
CA TRP A 65 -12.87 14.81 34.36
C TRP A 65 -12.41 13.38 34.13
N LYS A 66 -12.18 12.62 35.20
CA LYS A 66 -11.83 11.21 35.04
C LYS A 66 -12.99 10.43 34.43
N GLU A 67 -14.21 10.72 34.87
CA GLU A 67 -15.38 10.07 34.28
C GLU A 67 -15.48 10.38 32.79
N LEU A 68 -15.26 11.65 32.43
CA LEU A 68 -15.25 12.02 31.01
C LEU A 68 -14.13 11.30 30.26
N GLU A 69 -12.96 11.15 30.90
CA GLU A 69 -11.87 10.45 30.26
C GLU A 69 -12.24 9.01 29.94
N THR A 70 -12.84 8.31 30.91
CA THR A 70 -13.25 6.93 30.67
C THR A 70 -14.32 6.85 29.59
N LEU A 71 -15.29 7.76 29.63
CA LEU A 71 -16.33 7.79 28.61
C LEU A 71 -15.75 8.02 27.23
N PHE A 72 -14.83 8.98 27.11
CA PHE A 72 -14.22 9.27 25.81
C PHE A 72 -13.37 8.09 25.33
N ARG A 73 -12.64 7.44 26.22
CA ARG A 73 -11.86 6.27 25.83
C ARG A 73 -12.75 5.18 25.25
N ILE A 74 -13.81 4.82 25.98
CA ILE A 74 -14.72 3.79 25.51
C ILE A 74 -15.34 4.19 24.17
N ARG A 75 -15.84 5.44 24.09
CA ARG A 75 -16.53 5.89 22.89
C ARG A 75 -15.59 5.90 21.68
N THR A 76 -14.38 6.42 21.85
CA THR A 76 -13.45 6.52 20.73
C THR A 76 -13.06 5.13 20.23
N ILE A 77 -12.69 4.23 21.14
CA ILE A 77 -12.27 2.91 20.72
C ILE A 77 -13.40 2.17 20.02
N ARG A 78 -14.60 2.19 20.62
CA ARG A 78 -15.72 1.48 20.04
C ARG A 78 -16.13 2.08 18.69
N SER A 79 -16.13 3.41 18.58
CA SER A 79 -16.52 4.04 17.32
C SER A 79 -15.52 3.74 16.21
N PHE A 80 -14.22 3.81 16.52
CA PHE A 80 -13.21 3.46 15.54
C PHE A 80 -13.40 2.03 15.05
N GLU A 81 -13.53 1.09 16.00
CA GLU A 81 -13.67 -0.31 15.64
C GLU A 81 -14.96 -0.54 14.85
N GLY A 82 -16.05 0.14 15.23
CA GLY A 82 -17.30 -0.03 14.52
C GLY A 82 -17.25 0.49 13.10
N ILE A 83 -16.66 1.67 12.90
CA ILE A 83 -16.51 2.20 11.54
C ILE A 83 -15.65 1.25 10.71
N ARG A 84 -14.61 0.67 11.32
CA ARG A 84 -13.83 -0.34 10.60
C ARG A 84 -14.68 -1.56 10.25
N ARG A 85 -15.55 -1.99 11.17
CA ARG A 85 -16.31 -3.22 10.98
C ARG A 85 -17.46 -3.02 9.99
N TYR A 86 -18.11 -1.86 10.02
CA TYR A 86 -19.26 -1.58 9.16
C TYR A 86 -18.87 -0.94 7.84
N ALA A 87 -17.58 -0.92 7.50
CA ALA A 87 -17.13 -0.20 6.31
C ALA A 87 -17.76 -0.76 5.04
N HIS A 88 -17.69 -2.09 4.86
CA HIS A 88 -18.25 -2.68 3.66
C HIS A 88 -19.77 -2.70 3.72
N GLU A 89 -20.35 -2.91 4.90
CA GLU A 89 -21.80 -2.95 5.03
C GLU A 89 -22.43 -1.59 4.71
N LEU A 90 -21.79 -0.52 5.12
CA LEU A 90 -22.30 0.83 4.90
C LEU A 90 -21.83 1.44 3.59
N GLN A 91 -21.17 0.66 2.74
CA GLN A 91 -20.67 1.11 1.44
C GLN A 91 -19.66 2.25 1.58
N PHE A 92 -18.91 2.25 2.68
CA PHE A 92 -17.82 3.20 2.85
C PHE A 92 -16.64 2.78 1.99
N GLU A 93 -16.21 3.66 1.09
CA GLU A 93 -15.21 3.33 0.07
C GLU A 93 -13.85 3.84 0.51
N TYR A 94 -12.89 2.93 0.64
CA TYR A 94 -11.52 3.33 0.95
C TYR A 94 -10.90 4.06 -0.24
N PRO A 95 -10.16 5.15 -0.01
CA PRO A 95 -9.97 5.80 1.28
C PRO A 95 -11.12 6.75 1.62
N PHE A 96 -11.43 6.93 2.91
CA PHE A 96 -12.55 7.80 3.25
C PHE A 96 -12.31 8.46 4.61
N GLU A 97 -12.92 9.63 4.77
CA GLU A 97 -12.82 10.42 5.99
C GLU A 97 -14.19 10.49 6.66
N ILE A 98 -14.20 10.40 7.99
CA ILE A 98 -15.39 10.63 8.80
C ILE A 98 -15.08 11.78 9.72
N GLN A 99 -15.88 12.85 9.63
CA GLN A 99 -15.66 14.04 10.42
C GLN A 99 -16.88 14.30 11.29
N VAL A 100 -16.65 14.67 12.54
CA VAL A 100 -17.74 14.88 13.49
C VAL A 100 -17.47 16.17 14.24
N THR A 101 -18.49 17.01 14.37
CA THR A 101 -18.41 18.17 15.24
C THR A 101 -19.63 18.21 16.15
N GLY A 102 -19.40 18.33 17.46
CA GLY A 102 -20.49 18.36 18.41
C GLY A 102 -20.25 19.19 19.66
N GLY A 103 -21.20 20.02 20.04
CA GLY A 103 -21.03 20.88 21.20
C GLY A 103 -22.22 21.75 21.54
N CYS A 104 -21.97 22.91 22.13
CA CYS A 104 -23.04 23.85 22.48
C CYS A 104 -22.59 25.28 22.20
N GLU A 105 -23.54 26.20 22.22
CA GLU A 105 -23.28 27.59 21.90
C GLU A 105 -23.75 28.49 23.03
N LEU A 106 -23.36 29.77 22.94
CA LEU A 106 -23.77 30.81 23.89
C LEU A 106 -23.52 30.43 25.34
N LYS A 110 -24.70 32.93 27.28
CA LYS A 110 -26.01 33.47 27.60
C LYS A 110 -27.06 32.37 27.62
N VAL A 111 -27.06 31.53 26.59
CA VAL A 111 -28.05 30.46 26.45
C VAL A 111 -27.36 29.15 26.07
N SER A 112 -28.15 28.11 25.79
CA SER A 112 -27.63 26.74 25.77
C SER A 112 -27.28 26.25 24.37
N GLY A 113 -28.27 26.13 23.47
CA GLY A 113 -28.03 25.87 22.05
C GLY A 113 -27.09 24.74 21.62
N SER A 114 -27.48 23.48 21.78
CA SER A 114 -26.59 22.37 21.48
C SER A 114 -26.69 21.94 20.00
N PHE A 115 -25.71 21.12 19.58
CA PHE A 115 -25.62 20.63 18.21
C PHE A 115 -24.66 19.44 18.15
N LEU A 116 -24.82 18.60 17.12
CA LEU A 116 -23.91 17.48 16.83
C LEU A 116 -24.16 16.89 15.45
N GLN A 117 -23.13 16.81 14.60
CA GLN A 117 -23.32 16.31 13.25
C GLN A 117 -22.06 15.63 12.72
N LEU A 118 -22.26 14.80 11.69
CA LEU A 118 -21.23 13.94 11.12
C LEU A 118 -21.30 14.01 9.60
N ALA A 119 -20.12 14.08 8.99
CA ALA A 119 -19.95 14.13 7.55
C ALA A 119 -19.10 12.94 7.08
N TYR A 120 -19.45 12.41 5.93
CA TYR A 120 -18.71 11.35 5.26
C TYR A 120 -18.20 11.88 3.94
N GLN A 121 -16.88 11.78 3.73
CA GLN A 121 -16.23 12.26 2.51
C GLN A 121 -16.45 13.77 2.31
N GLY A 122 -16.48 14.52 3.41
CA GLY A 122 -16.55 15.96 3.34
C GLY A 122 -17.92 16.55 3.13
N SER A 123 -18.96 15.73 3.02
CA SER A 123 -20.32 16.21 2.82
C SER A 123 -21.18 15.80 4.01
N ASP A 124 -22.14 16.65 4.34
CA ASP A 124 -23.06 16.37 5.44
C ASP A 124 -23.71 15.01 5.26
N PHE A 125 -23.58 14.16 6.26
CA PHE A 125 -24.10 12.79 6.18
C PHE A 125 -25.22 12.53 7.17
N VAL A 126 -24.99 12.72 8.47
CA VAL A 126 -26.01 12.49 9.50
C VAL A 126 -25.86 13.54 10.58
N SER A 127 -26.84 13.59 11.47
CA SER A 127 -26.76 14.49 12.63
C SER A 127 -27.57 13.89 13.76
N PHE A 128 -27.38 14.42 14.96
CA PHE A 128 -28.11 13.98 16.14
C PHE A 128 -29.06 15.10 16.57
N GLN A 129 -30.36 14.83 16.61
CA GLN A 129 -31.30 15.93 16.75
C GLN A 129 -31.90 16.05 18.14
N ASN A 130 -32.63 15.05 18.63
CA ASN A 130 -33.16 15.15 19.98
C ASN A 130 -32.64 14.04 20.88
N ASN A 131 -32.93 12.80 20.50
CA ASN A 131 -32.35 11.61 21.12
C ASN A 131 -32.09 10.58 20.03
N SER A 132 -32.02 11.01 18.78
CA SER A 132 -31.90 10.10 17.66
C SER A 132 -31.04 10.72 16.57
N TRP A 133 -30.36 9.85 15.82
CA TRP A 133 -29.62 10.27 14.64
C TRP A 133 -30.56 10.33 13.44
N LEU A 134 -30.61 11.49 12.81
CA LEU A 134 -31.39 11.75 11.62
C LEU A 134 -30.47 11.90 10.41
N PRO A 135 -30.82 11.30 9.28
CA PRO A 135 -29.99 11.44 8.08
C PRO A 135 -30.33 12.68 7.29
N TYR A 136 -29.30 13.29 6.70
CA TYR A 136 -29.53 14.38 5.78
C TYR A 136 -30.22 13.84 4.53
N PRO A 137 -31.31 14.45 4.07
CA PRO A 137 -32.04 13.89 2.92
C PRO A 137 -31.19 13.76 1.68
N VAL A 138 -30.27 14.70 1.45
CA VAL A 138 -29.44 14.68 0.24
C VAL A 138 -28.37 13.61 0.28
N ALA A 139 -28.11 13.00 1.44
CA ALA A 139 -27.06 12.01 1.57
C ALA A 139 -27.47 10.62 1.07
N GLY A 140 -28.76 10.38 0.88
CA GLY A 140 -29.21 9.13 0.28
C GLY A 140 -29.50 8.04 1.29
N ASN A 141 -29.61 6.81 0.77
CA ASN A 141 -29.95 5.65 1.60
C ASN A 141 -28.80 5.26 2.52
N MET A 142 -27.56 5.58 2.16
CA MET A 142 -26.44 5.24 3.02
C MET A 142 -26.57 5.91 4.38
N ALA A 143 -26.98 7.18 4.39
CA ALA A 143 -27.17 7.88 5.66
C ALA A 143 -28.28 7.26 6.48
N LYS A 144 -29.37 6.82 5.82
CA LYS A 144 -30.44 6.17 6.57
C LYS A 144 -29.98 4.85 7.17
N HIS A 145 -29.19 4.07 6.43
CA HIS A 145 -28.64 2.84 6.99
C HIS A 145 -27.70 3.13 8.15
N PHE A 146 -26.89 4.19 8.02
CA PHE A 146 -25.99 4.59 9.10
C PHE A 146 -26.77 5.01 10.34
N CYS A 147 -27.90 5.69 10.13
CA CYS A 147 -28.73 6.09 11.26
C CYS A 147 -29.38 4.88 11.93
N LYS A 148 -29.82 3.91 11.12
CA LYS A 148 -30.36 2.68 11.69
C LYS A 148 -29.32 1.96 12.54
N VAL A 149 -28.08 1.89 12.06
CA VAL A 149 -27.01 1.30 12.86
C VAL A 149 -26.76 2.12 14.11
N LEU A 150 -26.74 3.45 13.97
CA LEU A 150 -26.41 4.34 15.09
C LEU A 150 -27.49 4.34 16.16
N ASN A 151 -28.73 4.03 15.80
CA ASN A 151 -29.84 4.02 16.75
C ASN A 151 -30.10 2.65 17.34
N GLN A 152 -29.18 1.69 17.15
CA GLN A 152 -29.38 0.35 17.70
C GLN A 152 -29.48 0.36 19.22
N ASN A 153 -28.58 1.10 19.88
CA ASN A 153 -28.50 1.13 21.33
C ASN A 153 -29.13 2.42 21.85
N GLN A 154 -30.19 2.27 22.65
CA GLN A 154 -30.82 3.44 23.25
C GLN A 154 -29.99 4.03 24.37
N HIS A 155 -29.19 3.21 25.06
CA HIS A 155 -28.34 3.71 26.13
C HIS A 155 -27.31 4.70 25.60
N GLU A 156 -26.68 4.38 24.46
CA GLU A 156 -25.70 5.28 23.87
C GLU A 156 -26.35 6.60 23.46
N ASN A 157 -27.55 6.54 22.89
CA ASN A 157 -28.25 7.77 22.52
C ASN A 157 -28.62 8.60 23.74
N ASP A 158 -29.02 7.93 24.83
CA ASP A 158 -29.30 8.66 26.07
C ASP A 158 -28.06 9.34 26.60
N ILE A 159 -26.91 8.64 26.56
CA ILE A 159 -25.65 9.25 27.00
C ILE A 159 -25.31 10.45 26.13
N THR A 160 -25.50 10.32 24.82
CA THR A 160 -25.22 11.42 23.90
C THR A 160 -26.11 12.63 24.19
N HIS A 161 -27.42 12.37 24.41
CA HIS A 161 -28.34 13.47 24.71
C HIS A 161 -27.97 14.14 26.03
N ASN A 162 -27.57 13.36 27.03
CA ASN A 162 -27.14 13.95 28.30
C ASN A 162 -25.89 14.79 28.10
N LEU A 163 -24.96 14.31 27.28
CA LEU A 163 -23.73 15.05 27.04
C LEU A 163 -24.01 16.37 26.33
N LEU A 164 -24.91 16.35 25.35
CA LEU A 164 -25.19 17.57 24.57
C LEU A 164 -26.05 18.55 25.34
N SER A 165 -27.03 18.08 26.10
CA SER A 165 -28.00 18.97 26.72
C SER A 165 -27.63 19.37 28.14
N ASP A 166 -26.80 18.58 28.83
CA ASP A 166 -26.44 18.86 30.21
C ASP A 166 -24.97 19.14 30.40
N THR A 167 -24.09 18.26 29.90
CA THR A 167 -22.67 18.40 30.16
C THR A 167 -22.09 19.64 29.51
N CYS A 168 -22.36 19.83 28.22
CA CYS A 168 -21.80 20.97 27.50
C CYS A 168 -22.30 22.32 28.04
N PRO A 169 -23.60 22.54 28.25
CA PRO A 169 -24.02 23.85 28.78
C PRO A 169 -23.43 24.17 30.14
N ARG A 170 -23.29 23.17 31.01
CA ARG A 170 -22.68 23.42 32.31
C ARG A 170 -21.18 23.61 32.20
N PHE A 171 -20.54 22.99 31.21
CA PHE A 171 -19.10 23.13 31.06
C PHE A 171 -18.71 24.46 30.43
N ILE A 172 -19.51 24.96 29.49
CA ILE A 172 -19.10 26.12 28.71
C ILE A 172 -19.07 27.38 29.58
N LEU A 173 -20.04 27.51 30.49
CA LEU A 173 -20.05 28.67 31.38
C LEU A 173 -18.80 28.72 32.24
N GLY A 174 -18.43 27.58 32.83
CA GLY A 174 -17.24 27.54 33.65
C GLY A 174 -15.97 27.72 32.87
N LEU A 175 -15.92 27.17 31.65
CA LEU A 175 -14.74 27.35 30.80
C LEU A 175 -14.56 28.81 30.43
N LEU A 176 -15.65 29.50 30.10
CA LEU A 176 -15.58 30.92 29.78
C LEU A 176 -15.16 31.74 31.00
N ASP A 177 -15.72 31.43 32.17
CA ASP A 177 -15.37 32.16 33.38
C ASP A 177 -13.90 31.95 33.75
N ALA A 178 -13.40 30.72 33.62
CA ALA A 178 -12.01 30.46 33.98
C ALA A 178 -11.04 31.03 32.95
N GLY A 179 -11.48 31.19 31.70
CA GLY A 179 -10.63 31.73 30.67
C GLY A 179 -10.90 33.19 30.35
N LYS A 180 -11.61 33.88 31.24
CA LYS A 180 -11.99 35.26 30.97
C LYS A 180 -10.77 36.16 30.79
N ALA A 181 -9.73 35.95 31.60
CA ALA A 181 -8.52 36.74 31.48
C ALA A 181 -7.83 36.52 30.14
N HIS A 182 -7.73 35.26 29.71
CA HIS A 182 -7.06 34.97 28.45
C HIS A 182 -7.88 35.43 27.25
N LEU A 183 -9.20 35.26 27.31
CA LEU A 183 -10.03 35.61 26.15
C LEU A 183 -10.14 37.12 25.96
N GLN A 184 -10.14 37.88 27.04
CA GLN A 184 -10.32 39.33 26.97
C GLN A 184 -9.00 40.09 26.95
N ARG A 185 -7.86 39.39 26.83
CA ARG A 185 -6.59 40.07 26.77
C ARG A 185 -6.46 40.85 25.46
N GLN A 186 -5.69 41.94 25.52
CA GLN A 186 -5.46 42.81 24.37
C GLN A 186 -3.99 42.77 24.01
N VAL A 187 -3.70 42.49 22.74
CA VAL A 187 -2.32 42.45 22.23
C VAL A 187 -2.24 43.44 21.08
N LYS A 188 -1.32 44.40 21.19
CA LYS A 188 -1.18 45.42 20.16
C LYS A 188 -0.65 44.81 18.87
N PRO A 189 -1.09 45.29 17.71
CA PRO A 189 -0.52 44.83 16.45
C PRO A 189 0.77 45.58 16.12
N GLU A 190 1.47 45.05 15.12
CA GLU A 190 2.53 45.78 14.44
C GLU A 190 2.26 45.72 12.95
N ALA A 191 2.78 46.69 12.22
CA ALA A 191 2.50 46.78 10.79
C ALA A 191 3.76 47.18 10.04
N TRP A 192 3.84 46.71 8.80
CA TRP A 192 4.92 47.12 7.91
C TRP A 192 4.40 47.16 6.49
N LEU A 193 5.22 47.71 5.59
CA LEU A 193 4.84 47.95 4.20
C LEU A 193 5.83 47.28 3.27
N SER A 194 5.34 46.85 2.11
CA SER A 194 6.18 46.15 1.15
C SER A 194 5.60 46.27 -0.25
N HIS A 195 6.42 45.89 -1.23
CA HIS A 195 5.98 45.83 -2.62
C HIS A 195 5.38 44.46 -2.92
N GLY A 196 4.39 44.45 -3.79
CA GLY A 196 3.80 43.22 -4.27
C GLY A 196 4.15 42.96 -5.71
N PRO A 197 3.54 41.92 -6.29
CA PRO A 197 3.71 41.69 -7.74
C PRO A 197 3.09 42.82 -8.55
N SER A 198 3.77 43.19 -9.64
CA SER A 198 3.29 44.24 -10.53
C SER A 198 1.92 43.86 -11.09
N PRO A 199 0.87 44.62 -10.75
CA PRO A 199 -0.46 44.32 -11.33
C PRO A 199 -0.48 44.42 -12.83
N GLY A 200 0.27 45.35 -13.39
CA GLY A 200 0.35 45.54 -14.81
C GLY A 200 1.36 46.61 -15.14
N PRO A 201 1.53 46.91 -16.42
CA PRO A 201 2.46 47.99 -16.80
C PRO A 201 2.06 49.33 -16.18
N GLY A 202 3.07 50.07 -15.73
CA GLY A 202 2.82 51.38 -15.14
C GLY A 202 2.02 51.37 -13.86
N HIS A 203 1.88 50.21 -13.21
CA HIS A 203 1.12 50.10 -11.99
C HIS A 203 1.92 49.36 -10.93
N LEU A 204 1.64 49.69 -9.68
CA LEU A 204 2.34 49.12 -8.53
C LEU A 204 1.32 48.57 -7.54
N GLN A 205 1.74 47.55 -6.80
CA GLN A 205 0.95 46.96 -5.73
C GLN A 205 1.62 47.27 -4.40
N LEU A 206 0.87 47.93 -3.52
CA LEU A 206 1.34 48.31 -2.20
C LEU A 206 0.72 47.38 -1.17
N VAL A 207 1.55 46.82 -0.29
CA VAL A 207 1.11 45.81 0.66
C VAL A 207 1.34 46.33 2.07
N CYS A 208 0.29 46.27 2.89
CA CYS A 208 0.33 46.63 4.29
C CYS A 208 0.09 45.36 5.10
N HIS A 209 1.11 44.90 5.82
CA HIS A 209 1.01 43.73 6.68
C HIS A 209 0.73 44.18 8.10
N VAL A 210 -0.23 43.53 8.75
CA VAL A 210 -0.54 43.72 10.16
C VAL A 210 -0.43 42.36 10.82
N SER A 211 0.44 42.24 11.81
CA SER A 211 0.68 40.97 12.49
C SER A 211 0.75 41.19 13.99
N GLY A 212 0.38 40.14 14.72
CA GLY A 212 0.56 40.14 16.16
C GLY A 212 -0.59 40.68 16.98
N PHE A 213 -1.75 40.86 16.40
CA PHE A 213 -2.89 41.44 17.11
C PHE A 213 -3.84 40.36 17.62
N TYR A 214 -4.52 40.68 18.72
CA TYR A 214 -5.55 39.87 19.35
C TYR A 214 -6.45 40.81 20.14
N PRO A 215 -7.78 40.65 20.07
CA PRO A 215 -8.54 39.63 19.34
C PRO A 215 -8.58 39.82 17.83
N LYS A 216 -9.41 39.02 17.17
CA LYS A 216 -9.41 38.94 15.71
C LYS A 216 -9.84 40.23 15.02
N PRO A 217 -10.94 40.90 15.40
CA PRO A 217 -11.40 42.06 14.62
C PRO A 217 -10.34 43.14 14.53
N VAL A 218 -10.25 43.75 13.35
CA VAL A 218 -9.21 44.74 13.05
C VAL A 218 -9.67 45.55 11.85
N TRP A 219 -9.13 46.75 11.71
CA TRP A 219 -9.49 47.65 10.61
C TRP A 219 -8.20 48.13 9.95
N VAL A 220 -8.02 47.82 8.67
CA VAL A 220 -6.83 48.23 7.93
C VAL A 220 -7.27 48.81 6.61
N MET A 221 -6.78 50.02 6.30
CA MET A 221 -7.20 50.69 5.07
C MET A 221 -6.07 51.56 4.54
N TRP A 222 -5.91 51.56 3.22
CA TRP A 222 -5.05 52.53 2.57
C TRP A 222 -5.77 53.87 2.46
N MET A 223 -5.08 54.94 2.83
CA MET A 223 -5.63 56.28 2.90
C MET A 223 -4.77 57.22 2.07
N ARG A 224 -5.40 58.26 1.55
CA ARG A 224 -4.71 59.44 1.02
C ARG A 224 -5.23 60.61 1.84
N GLY A 225 -4.47 61.01 2.85
CA GLY A 225 -4.99 61.94 3.83
C GLY A 225 -6.10 61.27 4.63
N GLU A 226 -7.26 61.91 4.68
CA GLU A 226 -8.43 61.35 5.34
C GLU A 226 -9.27 60.48 4.44
N GLN A 227 -8.94 60.39 3.15
CA GLN A 227 -9.77 59.69 2.17
C GLN A 227 -9.37 58.23 2.12
N GLU A 228 -10.29 57.35 2.52
CA GLU A 228 -10.04 55.91 2.40
C GLU A 228 -9.93 55.53 0.94
N GLN A 229 -8.88 54.81 0.58
CA GLN A 229 -8.71 54.31 -0.77
C GLN A 229 -9.55 53.05 -0.92
N GLN A 230 -10.64 53.14 -1.67
CA GLN A 230 -11.57 52.03 -1.80
C GLN A 230 -11.02 50.89 -2.63
N GLY A 231 -9.88 51.08 -3.29
CA GLY A 231 -9.21 49.99 -3.96
C GLY A 231 -8.47 49.05 -3.03
N THR A 232 -8.46 49.34 -1.74
CA THR A 232 -7.81 48.46 -0.77
C THR A 232 -8.45 47.08 -0.80
N GLN A 233 -7.59 46.06 -0.92
CA GLN A 233 -8.04 44.67 -0.95
C GLN A 233 -7.56 43.99 0.33
N ARG A 234 -8.50 43.68 1.22
CA ARG A 234 -8.20 43.04 2.49
C ARG A 234 -8.23 41.53 2.33
N GLY A 235 -7.17 40.86 2.77
CA GLY A 235 -7.03 39.43 2.60
C GLY A 235 -7.63 38.65 3.74
N ASP A 236 -7.26 37.37 3.81
CA ASP A 236 -7.71 36.52 4.89
C ASP A 236 -6.94 36.82 6.17
N ILE A 237 -7.62 36.65 7.31
CA ILE A 237 -6.99 36.76 8.61
C ILE A 237 -6.30 35.43 8.90
N LEU A 238 -4.97 35.47 9.07
CA LEU A 238 -4.22 34.24 9.18
C LEU A 238 -3.62 34.09 10.57
N PRO A 239 -3.58 32.87 11.11
CA PRO A 239 -3.07 32.66 12.46
C PRO A 239 -1.57 32.43 12.50
N SER A 240 -1.02 32.57 13.71
CA SER A 240 0.33 32.17 14.03
C SER A 240 0.31 31.14 15.14
N ALA A 241 1.49 30.64 15.50
CA ALA A 241 1.57 29.63 16.55
C ALA A 241 1.14 30.18 17.90
N ASP A 242 1.36 31.47 18.15
CA ASP A 242 0.80 32.13 19.33
C ASP A 242 -0.67 32.45 19.05
N GLY A 243 -1.31 33.21 19.95
CA GLY A 243 -2.71 33.49 19.74
C GLY A 243 -3.03 34.60 18.77
N THR A 244 -2.02 35.24 18.19
CA THR A 244 -2.18 36.45 17.40
C THR A 244 -2.46 36.14 15.94
N TRP A 245 -2.82 37.19 15.20
CA TRP A 245 -3.32 37.06 13.84
C TRP A 245 -2.51 37.95 12.88
N TYR A 246 -2.63 37.64 11.60
CA TYR A 246 -1.93 38.31 10.51
C TYR A 246 -2.90 38.62 9.39
N LEU A 247 -2.63 39.71 8.66
CA LEU A 247 -3.53 40.18 7.63
C LEU A 247 -2.78 41.10 6.68
N ARG A 248 -3.01 40.92 5.38
CA ARG A 248 -2.43 41.77 4.35
C ARG A 248 -3.52 42.57 3.66
N ALA A 249 -3.26 43.86 3.45
CA ALA A 249 -4.14 44.74 2.68
C ALA A 249 -3.35 45.33 1.52
N THR A 250 -3.85 45.15 0.31
CA THR A 250 -3.14 45.55 -0.90
C THR A 250 -3.90 46.65 -1.63
N LEU A 251 -3.15 47.47 -2.36
CA LEU A 251 -3.70 48.57 -3.14
C LEU A 251 -2.95 48.66 -4.46
N GLU A 252 -3.67 48.62 -5.57
CA GLU A 252 -3.07 48.75 -6.89
C GLU A 252 -3.24 50.20 -7.37
N VAL A 253 -2.13 50.86 -7.65
CA VAL A 253 -2.16 52.27 -8.02
C VAL A 253 -1.27 52.51 -9.24
N ALA A 254 -1.55 53.61 -9.93
CA ALA A 254 -0.66 54.07 -10.98
C ALA A 254 0.69 54.47 -10.37
N ALA A 255 1.76 54.29 -11.14
CA ALA A 255 3.09 54.54 -10.61
C ALA A 255 3.26 55.98 -10.14
N GLY A 256 2.63 56.92 -10.85
CA GLY A 256 2.70 58.32 -10.46
C GLY A 256 1.70 58.76 -9.41
N GLU A 257 0.73 57.91 -9.08
CA GLU A 257 -0.31 58.24 -8.10
C GLU A 257 -0.05 57.61 -6.74
N ALA A 258 1.16 57.10 -6.49
CA ALA A 258 1.47 56.45 -5.22
C ALA A 258 1.94 57.43 -4.15
N ALA A 259 2.14 58.70 -4.49
CA ALA A 259 2.57 59.67 -3.51
C ALA A 259 1.45 59.98 -2.52
N ASP A 260 1.84 60.31 -1.29
CA ASP A 260 0.97 60.68 -0.17
C ASP A 260 0.13 59.51 0.33
N LEU A 261 0.30 58.31 -0.21
CA LEU A 261 -0.47 57.17 0.27
C LEU A 261 0.06 56.68 1.61
N SER A 262 -0.84 56.14 2.42
CA SER A 262 -0.47 55.64 3.73
C SER A 262 -1.40 54.49 4.10
N CYS A 263 -1.01 53.72 5.12
CA CYS A 263 -1.82 52.63 5.64
C CYS A 263 -2.18 52.94 7.08
N ARG A 264 -3.46 52.78 7.41
CA ARG A 264 -3.98 53.03 8.74
C ARG A 264 -4.57 51.76 9.33
N VAL A 265 -4.23 51.50 10.59
CA VAL A 265 -4.66 50.32 11.33
C VAL A 265 -5.35 50.77 12.61
N LYS A 266 -6.58 50.31 12.81
CA LYS A 266 -7.33 50.48 14.05
C LYS A 266 -7.54 49.11 14.68
N HIS A 267 -7.16 48.98 15.95
CA HIS A 267 -7.43 47.77 16.72
C HIS A 267 -7.87 48.19 18.13
N SER A 268 -8.66 47.33 18.76
CA SER A 268 -9.17 47.64 20.10
C SER A 268 -8.04 47.80 21.12
N SER A 269 -6.89 47.18 20.88
CA SER A 269 -5.79 47.27 21.82
C SER A 269 -5.09 48.63 21.74
N LEU A 270 -5.15 49.30 20.60
CA LEU A 270 -4.42 50.55 20.41
C LEU A 270 -5.04 51.72 21.17
N GLU A 271 -6.24 51.54 21.73
CA GLU A 271 -6.87 52.54 22.59
C GLU A 271 -7.00 53.90 21.91
N GLY A 272 -7.39 53.88 20.64
CA GLY A 272 -7.66 55.09 19.89
C GLY A 272 -6.48 55.66 19.12
N GLN A 273 -5.29 55.09 19.30
CA GLN A 273 -4.09 55.57 18.60
C GLN A 273 -3.84 54.65 17.41
N ASP A 274 -4.36 55.05 16.25
CA ASP A 274 -4.23 54.25 15.04
C ASP A 274 -2.78 54.23 14.56
N ILE A 275 -2.35 53.09 14.07
CA ILE A 275 -1.03 52.97 13.47
C ILE A 275 -1.08 53.50 12.05
N VAL A 276 -0.22 54.47 11.74
CA VAL A 276 -0.16 55.06 10.40
C VAL A 276 1.24 54.87 9.85
N LEU A 277 1.33 54.20 8.71
CA LEU A 277 2.59 54.00 7.99
C LEU A 277 2.53 54.74 6.67
N TYR A 278 3.64 55.39 6.30
CA TYR A 278 3.67 56.22 5.11
C TYR A 278 4.56 55.58 4.04
N TRP A 279 4.07 55.60 2.80
CA TRP A 279 4.76 54.94 1.70
C TRP A 279 5.89 55.82 1.18
N GLU A 280 7.04 55.19 0.94
CA GLU A 280 8.21 55.86 0.36
C GLU A 280 8.64 55.07 -0.87
N GLY A 281 8.63 55.72 -2.03
CA GLY A 281 8.88 55.08 -3.31
C GLY A 281 10.24 55.32 -3.92
N SER A 282 11.19 55.87 -3.18
CA SER A 282 12.54 56.12 -3.72
C SER A 282 13.36 54.85 -3.74
N GLY B 3 -13.04 13.40 -8.38
CA GLY B 3 -14.28 13.41 -7.63
C GLY B 3 -14.54 14.69 -6.87
N ILE B 4 -15.16 14.57 -5.70
CA ILE B 4 -15.40 15.74 -4.83
C ILE B 4 -14.18 15.87 -3.94
N GLN B 5 -13.15 16.52 -4.49
CA GLN B 5 -11.90 16.78 -3.79
C GLN B 5 -11.61 18.27 -3.89
N ARG B 6 -11.12 18.85 -2.79
CA ARG B 6 -10.88 20.28 -2.71
C ARG B 6 -9.37 20.53 -2.62
N THR B 7 -8.86 21.37 -3.52
CA THR B 7 -7.44 21.68 -3.58
C THR B 7 -7.05 22.64 -2.45
N PRO B 8 -5.84 22.50 -1.92
CA PRO B 8 -5.44 23.35 -0.80
C PRO B 8 -5.12 24.78 -1.21
N LYS B 9 -5.50 25.71 -0.34
CA LYS B 9 -5.11 27.11 -0.45
C LYS B 9 -3.89 27.33 0.42
N ILE B 10 -2.83 27.86 -0.18
CA ILE B 10 -1.51 27.96 0.45
C ILE B 10 -1.14 29.43 0.57
N GLN B 11 -0.83 29.88 1.78
CA GLN B 11 -0.52 31.28 2.04
C GLN B 11 0.74 31.37 2.89
N VAL B 12 1.73 32.12 2.42
CA VAL B 12 3.04 32.20 3.06
C VAL B 12 3.21 33.61 3.62
N TYR B 13 3.66 33.70 4.87
CA TYR B 13 3.85 35.00 5.49
C TYR B 13 4.85 34.87 6.63
N SER B 14 5.19 36.02 7.23
CA SER B 14 6.16 36.10 8.31
C SER B 14 5.52 36.75 9.53
N ARG B 15 5.90 36.28 10.71
CA ARG B 15 5.35 36.83 11.94
C ARG B 15 5.75 38.29 12.15
N HIS B 16 6.94 38.66 11.72
CA HIS B 16 7.52 39.98 11.89
C HIS B 16 8.11 40.45 10.57
N PRO B 17 8.26 41.76 10.38
CA PRO B 17 8.91 42.25 9.15
C PRO B 17 10.32 41.70 9.01
N ALA B 18 10.71 41.43 7.77
CA ALA B 18 12.01 40.84 7.50
C ALA B 18 13.12 41.86 7.77
N GLU B 19 14.00 41.55 8.72
CA GLU B 19 15.20 42.33 8.97
C GLU B 19 16.38 41.37 9.05
N ASN B 20 17.37 41.59 8.19
CA ASN B 20 18.49 40.66 8.09
C ASN B 20 19.23 40.55 9.42
N GLY B 21 19.49 39.30 9.84
CA GLY B 21 20.15 39.04 11.10
C GLY B 21 19.24 38.94 12.30
N LYS B 22 17.95 39.24 12.15
CA LYS B 22 17.00 39.20 13.26
C LYS B 22 16.12 37.96 13.13
N SER B 23 16.02 37.21 14.22
CA SER B 23 15.22 35.99 14.22
C SER B 23 13.75 36.31 14.02
N ASN B 24 13.07 35.48 13.25
CA ASN B 24 11.68 35.70 12.86
C ASN B 24 11.03 34.33 12.67
N PHE B 25 9.74 34.33 12.38
CA PHE B 25 8.98 33.11 12.14
C PHE B 25 8.36 33.14 10.75
N LEU B 26 8.45 32.02 10.06
CA LEU B 26 7.83 31.83 8.76
C LEU B 26 6.64 30.89 8.91
N ASN B 27 5.50 31.31 8.38
CA ASN B 27 4.25 30.55 8.44
C ASN B 27 3.79 30.20 7.04
N CYS B 28 3.36 28.95 6.88
CA CYS B 28 2.63 28.48 5.71
C CYS B 28 1.29 27.94 6.19
N TYR B 29 0.21 28.56 5.72
CA TYR B 29 -1.15 28.20 6.10
C TYR B 29 -1.79 27.48 4.93
N VAL B 30 -2.26 26.26 5.16
CA VAL B 30 -2.82 25.40 4.12
C VAL B 30 -4.26 25.07 4.51
N SER B 31 -5.22 25.70 3.85
CA SER B 31 -6.60 25.61 4.27
C SER B 31 -7.50 25.13 3.13
N GLY B 32 -8.68 24.69 3.50
CA GLY B 32 -9.72 24.38 2.51
C GLY B 32 -9.39 23.24 1.58
N PHE B 33 -8.85 22.14 2.11
CA PHE B 33 -8.51 20.98 1.31
C PHE B 33 -9.22 19.74 1.85
N HIS B 34 -9.40 18.76 0.95
CA HIS B 34 -10.06 17.51 1.26
C HIS B 34 -9.67 16.47 0.21
N PRO B 35 -9.21 15.27 0.60
CA PRO B 35 -9.04 14.76 1.97
C PRO B 35 -7.84 15.35 2.70
N SER B 36 -7.56 14.84 3.91
CA SER B 36 -6.62 15.49 4.82
C SER B 36 -5.18 15.07 4.61
N ASP B 37 -4.92 13.98 3.89
CA ASP B 37 -3.55 13.53 3.72
C ASP B 37 -2.80 14.50 2.82
N ILE B 38 -1.79 15.17 3.38
CA ILE B 38 -1.08 16.24 2.70
C ILE B 38 0.36 16.24 3.15
N GLU B 39 1.26 16.66 2.26
CA GLU B 39 2.69 16.78 2.58
C GLU B 39 3.09 18.24 2.39
N VAL B 40 3.17 18.97 3.49
CA VAL B 40 3.58 20.37 3.48
C VAL B 40 5.00 20.45 4.01
N ASP B 41 5.90 21.03 3.22
CA ASP B 41 7.29 21.25 3.62
C ASP B 41 7.64 22.71 3.42
N LEU B 42 8.56 23.20 4.25
CA LEU B 42 9.10 24.54 4.11
C LEU B 42 10.49 24.44 3.51
N LEU B 43 10.74 25.21 2.46
CA LEU B 43 11.97 25.14 1.69
C LEU B 43 12.79 26.39 1.93
N LYS B 44 14.07 26.20 2.28
CA LYS B 44 15.05 27.27 2.35
C LYS B 44 16.04 27.05 1.22
N ASN B 45 16.06 27.97 0.25
CA ASN B 45 16.94 27.89 -0.91
C ASN B 45 16.76 26.57 -1.66
N GLY B 46 15.53 26.13 -1.78
CA GLY B 46 15.21 24.88 -2.45
C GLY B 46 15.17 23.64 -1.58
N GLU B 47 16.15 23.48 -0.72
CA GLU B 47 16.22 22.31 0.15
C GLU B 47 15.17 22.37 1.25
N ARG B 48 14.65 21.20 1.61
CA ARG B 48 13.62 21.11 2.65
C ARG B 48 14.18 21.54 4.00
N ILE B 49 13.40 22.30 4.75
CA ILE B 49 13.76 22.68 6.11
C ILE B 49 13.33 21.57 7.05
N GLU B 50 14.29 21.00 7.77
CA GLU B 50 13.97 20.02 8.79
C GLU B 50 13.54 20.72 10.08
N LYS B 51 12.91 19.95 10.97
CA LYS B 51 12.40 20.45 12.25
C LYS B 51 11.42 21.60 12.04
N VAL B 52 10.30 21.27 11.39
CA VAL B 52 9.22 22.22 11.15
C VAL B 52 8.03 21.81 11.99
N GLU B 53 7.49 22.76 12.76
CA GLU B 53 6.33 22.53 13.59
C GLU B 53 5.04 22.81 12.82
N HIS B 54 4.01 22.05 13.13
CA HIS B 54 2.69 22.26 12.53
C HIS B 54 1.62 22.06 13.59
N SER B 55 0.48 22.73 13.40
CA SER B 55 -0.62 22.66 14.34
C SER B 55 -1.37 21.33 14.19
N ASP B 56 -2.21 21.05 15.17
CA ASP B 56 -3.08 19.88 15.10
C ASP B 56 -4.12 20.08 14.00
N LEU B 57 -4.46 18.98 13.34
CA LEU B 57 -5.42 19.04 12.25
C LEU B 57 -6.79 19.50 12.76
N SER B 58 -7.48 20.27 11.92
CA SER B 58 -8.82 20.75 12.21
C SER B 58 -9.55 20.94 10.88
N PHE B 59 -10.84 21.31 10.97
CA PHE B 59 -11.63 21.60 9.78
C PHE B 59 -12.57 22.77 10.05
N SER B 60 -12.94 23.47 8.98
CA SER B 60 -13.81 24.63 9.05
C SER B 60 -15.28 24.18 9.05
N LYS B 61 -16.19 25.13 8.86
CA LYS B 61 -17.61 24.80 8.88
C LYS B 61 -17.99 23.86 7.73
N ASP B 62 -17.39 24.07 6.55
CA ASP B 62 -17.71 23.26 5.38
C ASP B 62 -16.85 22.00 5.28
N TRP B 63 -16.32 21.52 6.41
CA TRP B 63 -15.59 20.26 6.58
C TRP B 63 -14.21 20.26 5.93
N SER B 64 -13.81 21.33 5.26
CA SER B 64 -12.48 21.38 4.65
C SER B 64 -11.41 21.56 5.73
N PHE B 65 -10.26 20.93 5.51
CA PHE B 65 -9.20 20.88 6.51
C PHE B 65 -8.25 22.06 6.37
N TYR B 66 -7.61 22.43 7.48
CA TYR B 66 -6.61 23.48 7.48
C TYR B 66 -5.51 23.17 8.49
N LEU B 67 -4.29 23.52 8.13
CA LEU B 67 -3.11 23.33 8.96
C LEU B 67 -2.25 24.59 8.91
N LEU B 68 -1.48 24.80 9.97
CA LEU B 68 -0.50 25.88 10.03
C LEU B 68 0.86 25.26 10.29
N TYR B 69 1.81 25.51 9.40
CA TYR B 69 3.19 25.11 9.56
C TYR B 69 4.02 26.36 9.83
N TYR B 70 4.98 26.25 10.75
CA TYR B 70 5.77 27.42 11.11
C TYR B 70 7.16 26.99 11.52
N THR B 71 8.14 27.83 11.20
CA THR B 71 9.51 27.57 11.62
C THR B 71 10.21 28.87 11.99
N GLU B 72 11.16 28.77 12.92
CA GLU B 72 12.00 29.90 13.26
C GLU B 72 13.16 30.00 12.28
N PHE B 73 13.48 31.22 11.87
CA PHE B 73 14.52 31.42 10.87
C PHE B 73 15.06 32.83 10.96
N THR B 74 16.32 32.99 10.54
CA THR B 74 16.93 34.30 10.48
C THR B 74 17.16 34.67 9.01
N PRO B 75 16.46 35.67 8.49
CA PRO B 75 16.61 36.00 7.07
C PRO B 75 18.00 36.53 6.76
N THR B 76 18.49 36.19 5.58
CA THR B 76 19.75 36.68 5.06
C THR B 76 19.48 37.47 3.78
N GLU B 77 20.48 38.22 3.35
CA GLU B 77 20.31 39.06 2.16
C GLU B 77 20.00 38.23 0.92
N LYS B 78 20.66 37.08 0.78
CA LYS B 78 20.52 36.24 -0.41
C LYS B 78 19.71 34.99 -0.17
N ASP B 79 18.99 34.90 0.95
CA ASP B 79 18.20 33.72 1.27
C ASP B 79 16.76 33.87 0.77
N GLU B 80 16.24 32.80 0.18
CA GLU B 80 14.87 32.75 -0.31
C GLU B 80 14.16 31.56 0.31
N TYR B 81 12.88 31.73 0.63
CA TYR B 81 12.08 30.72 1.32
C TYR B 81 10.80 30.48 0.54
N ALA B 82 10.23 29.29 0.74
CA ALA B 82 9.02 28.90 0.04
C ALA B 82 8.30 27.82 0.83
N CYS B 83 7.07 27.52 0.39
CA CYS B 83 6.28 26.43 0.95
C CYS B 83 5.84 25.53 -0.19
N ARG B 84 6.11 24.23 -0.03
CA ARG B 84 5.83 23.23 -1.06
C ARG B 84 4.79 22.25 -0.54
N VAL B 85 3.72 22.07 -1.30
CA VAL B 85 2.57 21.27 -0.90
C VAL B 85 2.32 20.20 -1.95
N ASN B 86 2.10 18.97 -1.49
CA ASN B 86 1.64 17.86 -2.31
C ASN B 86 0.25 17.42 -1.86
N HIS B 87 -0.59 17.06 -2.83
CA HIS B 87 -1.96 16.67 -2.53
C HIS B 87 -2.48 15.82 -3.68
N VAL B 88 -3.57 15.10 -3.41
CA VAL B 88 -4.18 14.26 -4.44
C VAL B 88 -4.69 15.10 -5.60
N THR B 89 -5.04 16.36 -5.33
CA THR B 89 -5.55 17.26 -6.36
C THR B 89 -4.44 17.96 -7.15
N LEU B 90 -3.17 17.70 -6.83
CA LEU B 90 -2.06 18.37 -7.47
C LEU B 90 -1.31 17.37 -8.34
N SER B 91 -1.19 17.69 -9.63
CA SER B 91 -0.38 16.84 -10.52
C SER B 91 1.11 16.98 -10.22
N GLN B 92 1.54 18.18 -9.85
CA GLN B 92 2.90 18.45 -9.39
C GLN B 92 2.83 19.29 -8.13
N PRO B 93 3.85 19.22 -7.27
CA PRO B 93 3.82 19.99 -6.04
C PRO B 93 3.68 21.48 -6.31
N LYS B 94 2.88 22.15 -5.48
CA LYS B 94 2.65 23.59 -5.63
C LYS B 94 3.56 24.33 -4.65
N ILE B 95 4.29 25.32 -5.15
CA ILE B 95 5.24 26.09 -4.38
C ILE B 95 4.76 27.53 -4.33
N VAL B 96 4.59 28.06 -3.13
CA VAL B 96 4.25 29.46 -2.90
C VAL B 96 5.45 30.11 -2.22
N LYS B 97 5.98 31.17 -2.84
CA LYS B 97 7.18 31.81 -2.35
C LYS B 97 6.87 32.86 -1.31
N TRP B 98 7.80 33.04 -0.37
CA TRP B 98 7.73 34.16 0.55
C TRP B 98 8.02 35.46 -0.20
N ASP B 99 7.34 36.53 0.18
CA ASP B 99 7.49 37.83 -0.45
C ASP B 99 8.12 38.82 0.52
N ARG B 100 9.26 39.38 0.13
CA ARG B 100 9.90 40.48 0.87
C ARG B 100 10.40 41.49 -0.15
N ASP B 101 9.54 42.45 -0.51
CA ASP B 101 9.86 43.45 -1.52
C ASP B 101 10.39 42.83 -2.80
N LYS C 11 3.04 -27.67 1.71
CA LYS C 11 3.50 -27.35 0.36
C LYS C 11 2.42 -27.64 -0.68
N SER C 12 1.85 -28.84 -0.64
CA SER C 12 0.80 -29.26 -1.57
C SER C 12 -0.39 -29.79 -0.78
N VAL C 13 -1.59 -29.32 -1.14
CA VAL C 13 -2.82 -29.74 -0.49
C VAL C 13 -3.83 -30.13 -1.58
N ILE C 14 -4.54 -31.21 -1.36
CA ILE C 14 -5.58 -31.68 -2.26
C ILE C 14 -6.87 -31.80 -1.46
N ARG C 15 -7.94 -31.17 -1.96
CA ARG C 15 -9.22 -31.16 -1.25
C ARG C 15 -10.34 -31.44 -2.24
N GLN C 16 -11.52 -31.71 -1.69
CA GLN C 16 -12.72 -31.95 -2.48
C GLN C 16 -13.71 -30.81 -2.26
N THR C 17 -14.50 -30.53 -3.30
CA THR C 17 -15.45 -29.42 -3.24
C THR C 17 -16.42 -29.58 -2.08
N GLY C 18 -16.64 -28.48 -1.36
CA GLY C 18 -17.52 -28.47 -0.20
C GLY C 18 -16.85 -28.74 1.13
N SER C 19 -15.56 -29.09 1.12
CA SER C 19 -14.82 -29.33 2.35
C SER C 19 -14.13 -28.04 2.79
N SER C 20 -13.22 -28.15 3.76
CA SER C 20 -12.43 -27.03 4.24
C SER C 20 -10.95 -27.42 4.25
N ALA C 21 -10.09 -26.42 4.14
CA ALA C 21 -8.65 -26.67 4.11
C ALA C 21 -7.94 -25.63 4.97
N GLU C 22 -7.09 -26.08 5.88
CA GLU C 22 -6.31 -25.21 6.75
C GLU C 22 -4.85 -25.28 6.32
N ILE C 23 -4.30 -24.15 5.88
CA ILE C 23 -2.90 -24.07 5.49
C ILE C 23 -2.16 -23.27 6.54
N THR C 24 -0.86 -23.55 6.65
CA THR C 24 0.03 -22.81 7.53
C THR C 24 1.10 -22.13 6.69
N CYS C 25 1.54 -20.96 7.12
CA CYS C 25 2.55 -20.23 6.38
C CYS C 25 3.81 -20.09 7.20
N ASP C 26 4.95 -20.16 6.52
CA ASP C 26 6.28 -20.14 7.13
C ASP C 26 6.96 -18.82 6.75
N LEU C 27 6.76 -17.80 7.59
CA LEU C 27 7.54 -16.58 7.54
C LEU C 27 8.64 -16.70 8.60
N ALA C 28 9.89 -16.40 8.20
CA ALA C 28 11.07 -16.72 9.00
C ALA C 28 10.89 -16.37 10.47
N GLU C 29 10.67 -15.09 10.76
CA GLU C 29 10.10 -14.66 12.03
C GLU C 29 9.02 -13.61 11.89
N GLY C 30 8.87 -13.00 10.71
CA GLY C 30 7.92 -11.92 10.51
C GLY C 30 8.28 -10.71 11.36
N SER C 31 7.26 -9.93 11.70
CA SER C 31 7.39 -8.87 12.69
C SER C 31 6.33 -9.00 13.78
N THR C 32 5.62 -10.13 13.79
CA THR C 32 4.50 -10.37 14.71
C THR C 32 3.51 -9.22 14.66
N GLY C 33 3.26 -8.70 13.46
CA GLY C 33 2.38 -7.56 13.29
C GLY C 33 1.16 -7.89 12.45
N TYR C 34 1.10 -7.28 11.28
CA TYR C 34 -0.03 -7.39 10.37
C TYR C 34 0.36 -8.28 9.20
N ILE C 35 -0.47 -9.29 8.92
CA ILE C 35 -0.16 -10.31 7.92
C ILE C 35 -1.21 -10.26 6.82
N HIS C 36 -0.75 -10.23 5.57
CA HIS C 36 -1.62 -10.24 4.42
C HIS C 36 -1.55 -11.61 3.75
N TRP C 37 -2.69 -12.09 3.26
CA TRP C 37 -2.73 -13.36 2.56
C TRP C 37 -3.02 -13.13 1.08
N TYR C 38 -2.16 -13.67 0.22
CA TYR C 38 -2.23 -13.47 -1.22
C TYR C 38 -2.55 -14.79 -1.91
N LEU C 39 -3.37 -14.69 -2.96
CA LEU C 39 -3.74 -15.84 -3.80
C LEU C 39 -3.21 -15.61 -5.20
N HIS C 40 -2.50 -16.59 -5.74
CA HIS C 40 -1.92 -16.52 -7.08
C HIS C 40 -2.43 -17.69 -7.91
N GLN C 41 -2.86 -17.40 -9.13
CA GLN C 41 -3.35 -18.40 -10.06
C GLN C 41 -2.60 -18.29 -11.37
N GLU C 42 -2.52 -19.40 -12.09
CA GLU C 42 -1.78 -19.43 -13.35
C GLU C 42 -2.36 -18.44 -14.35
N GLY C 43 -1.50 -17.62 -14.94
CA GLY C 43 -1.91 -16.62 -15.90
C GLY C 43 -2.47 -15.35 -15.31
N LYS C 44 -2.94 -15.37 -14.07
CA LYS C 44 -3.54 -14.22 -13.42
C LYS C 44 -2.52 -13.50 -12.54
N ALA C 45 -2.92 -12.34 -12.04
CA ALA C 45 -2.10 -11.52 -11.16
C ALA C 45 -2.40 -11.87 -9.70
N PRO C 46 -1.37 -12.10 -8.88
CA PRO C 46 -1.62 -12.36 -7.46
C PRO C 46 -2.32 -11.18 -6.80
N GLN C 47 -3.24 -11.49 -5.88
CA GLN C 47 -4.07 -10.48 -5.24
C GLN C 47 -4.19 -10.78 -3.76
N ARG C 48 -4.34 -9.73 -2.97
CA ARG C 48 -4.48 -9.86 -1.53
C ARG C 48 -5.91 -10.30 -1.18
N LEU C 49 -6.02 -11.39 -0.43
CA LEU C 49 -7.33 -11.91 -0.04
C LEU C 49 -7.82 -11.34 1.28
N LEU C 50 -6.97 -11.28 2.30
CA LEU C 50 -7.41 -10.81 3.59
C LEU C 50 -6.22 -10.25 4.36
N TYR C 51 -6.54 -9.42 5.36
CA TYR C 51 -5.57 -8.74 6.19
C TYR C 51 -5.88 -9.05 7.65
N TYR C 52 -4.90 -9.62 8.36
CA TYR C 52 -5.06 -10.05 9.74
C TYR C 52 -4.20 -9.17 10.63
N ASP C 53 -4.85 -8.56 11.63
CA ASP C 53 -4.19 -7.71 12.63
C ASP C 53 -4.13 -8.48 13.93
N SER C 54 -2.94 -8.96 14.28
CA SER C 54 -2.79 -9.80 15.48
C SER C 54 -3.06 -9.01 16.76
N TYR C 55 -2.80 -7.70 16.75
CA TYR C 55 -2.95 -6.91 17.98
C TYR C 55 -4.40 -6.85 18.44
N THR C 56 -5.36 -6.98 17.52
CA THR C 56 -6.77 -6.99 17.87
C THR C 56 -7.49 -8.25 17.40
N SER C 57 -6.80 -9.17 16.72
CA SER C 57 -7.39 -10.38 16.17
C SER C 57 -8.61 -10.05 15.30
N SER C 58 -8.38 -9.16 14.34
CA SER C 58 -9.43 -8.69 13.44
C SER C 58 -9.03 -9.03 12.01
N VAL C 59 -9.88 -9.80 11.34
CA VAL C 59 -9.67 -10.18 9.95
C VAL C 59 -10.54 -9.28 9.09
N VAL C 60 -9.92 -8.49 8.21
CA VAL C 60 -10.66 -7.69 7.24
C VAL C 60 -10.46 -8.34 5.87
N LEU C 61 -11.56 -8.75 5.27
CA LEU C 61 -11.53 -9.42 3.98
C LEU C 61 -11.50 -8.40 2.85
N GLU C 62 -11.00 -8.84 1.70
CA GLU C 62 -10.92 -7.95 0.55
C GLU C 62 -12.32 -7.69 -0.01
N SER C 63 -12.40 -6.72 -0.92
CA SER C 63 -13.67 -6.37 -1.53
C SER C 63 -14.20 -7.56 -2.34
N GLY C 64 -15.47 -7.90 -2.11
CA GLY C 64 -16.08 -9.00 -2.84
C GLY C 64 -15.70 -10.38 -2.35
N ILE C 65 -15.29 -10.52 -1.10
CA ILE C 65 -14.93 -11.81 -0.51
C ILE C 65 -16.06 -12.25 0.41
N SER C 66 -16.42 -13.53 0.33
CA SER C 66 -17.55 -14.05 1.10
C SER C 66 -17.31 -13.85 2.60
N PRO C 67 -18.37 -13.62 3.38
CA PRO C 67 -18.17 -13.23 4.79
C PRO C 67 -17.38 -14.24 5.61
N GLY C 68 -17.57 -15.53 5.37
CA GLY C 68 -16.87 -16.53 6.16
C GLY C 68 -16.01 -17.45 5.33
N LYS C 69 -15.57 -16.99 4.15
CA LYS C 69 -14.77 -17.84 3.28
C LYS C 69 -13.41 -18.16 3.90
N TYR C 70 -12.77 -17.17 4.52
CA TYR C 70 -11.42 -17.32 5.04
C TYR C 70 -11.37 -16.90 6.51
N ASP C 71 -10.45 -17.51 7.25
CA ASP C 71 -10.18 -17.09 8.62
C ASP C 71 -8.71 -17.29 8.90
N THR C 72 -8.18 -16.55 9.88
CA THR C 72 -6.78 -16.66 10.26
C THR C 72 -6.64 -16.68 11.77
N TYR C 73 -5.58 -17.36 12.23
CA TYR C 73 -5.33 -17.47 13.66
C TYR C 73 -3.93 -18.03 13.86
N GLY C 74 -3.58 -18.22 15.14
CA GLY C 74 -2.28 -18.73 15.51
C GLY C 74 -1.27 -17.61 15.78
N SER C 75 -0.21 -17.98 16.50
CA SER C 75 0.89 -17.04 16.73
C SER C 75 1.58 -16.75 15.40
N THR C 76 1.73 -15.47 15.08
CA THR C 76 2.20 -15.06 13.76
C THR C 76 3.68 -15.32 13.56
N ARG C 77 4.42 -15.73 14.58
CA ARG C 77 5.85 -15.95 14.47
C ARG C 77 6.19 -16.96 13.38
N LYS C 78 5.76 -18.21 13.55
CA LYS C 78 5.98 -19.23 12.53
C LYS C 78 4.71 -20.03 12.26
N ASN C 79 3.90 -20.23 13.31
CA ASN C 79 2.72 -21.09 13.22
C ASN C 79 1.46 -20.25 13.02
N LEU C 80 1.33 -19.71 11.82
CA LEU C 80 0.19 -18.89 11.44
C LEU C 80 -0.66 -19.66 10.43
N ARG C 81 -1.94 -19.84 10.75
CA ARG C 81 -2.86 -20.65 9.95
C ARG C 81 -3.93 -19.78 9.31
N MET C 82 -4.26 -20.12 8.05
CA MET C 82 -5.41 -19.58 7.35
C MET C 82 -6.26 -20.75 6.86
N ILE C 83 -7.56 -20.69 7.14
CA ILE C 83 -8.49 -21.75 6.83
C ILE C 83 -9.52 -21.25 5.83
N LEU C 84 -9.76 -22.04 4.79
CA LEU C 84 -10.75 -21.78 3.75
C LEU C 84 -11.91 -22.75 3.91
N ARG C 85 -13.13 -22.24 3.85
CA ARG C 85 -14.33 -23.04 4.03
C ARG C 85 -15.21 -22.99 2.78
N ASN C 86 -16.01 -24.04 2.60
CA ASN C 86 -16.93 -24.14 1.46
C ASN C 86 -16.18 -23.95 0.14
N LEU C 87 -14.99 -24.54 0.05
CA LEU C 87 -14.12 -24.30 -1.08
C LEU C 87 -14.71 -24.88 -2.36
N ILE C 88 -14.51 -24.15 -3.46
CA ILE C 88 -15.02 -24.55 -4.76
C ILE C 88 -13.85 -24.77 -5.70
N GLU C 89 -14.14 -25.14 -6.95
CA GLU C 89 -13.08 -25.42 -7.92
C GLU C 89 -12.24 -24.18 -8.20
N ASN C 90 -12.82 -22.99 -8.08
CA ASN C 90 -12.08 -21.77 -8.36
C ASN C 90 -11.06 -21.42 -7.28
N ASP C 91 -11.10 -22.10 -6.14
CA ASP C 91 -10.17 -21.80 -5.04
C ASP C 91 -8.80 -22.41 -5.24
N SER C 92 -8.60 -23.23 -6.27
CA SER C 92 -7.28 -23.81 -6.54
C SER C 92 -6.28 -22.72 -6.89
N GLY C 93 -5.06 -22.89 -6.41
CA GLY C 93 -4.02 -21.92 -6.64
C GLY C 93 -3.00 -21.96 -5.51
N VAL C 94 -2.01 -21.07 -5.61
CA VAL C 94 -0.93 -21.03 -4.64
C VAL C 94 -1.17 -19.86 -3.69
N TYR C 95 -1.15 -20.15 -2.39
CA TYR C 95 -1.43 -19.17 -1.34
C TYR C 95 -0.14 -18.81 -0.64
N TYR C 96 0.09 -17.51 -0.47
CA TYR C 96 1.22 -16.98 0.27
C TYR C 96 0.72 -16.15 1.45
N CYS C 97 1.55 -16.06 2.48
CA CYS C 97 1.40 -15.06 3.53
C CYS C 97 2.58 -14.09 3.44
N ALA C 98 2.31 -12.81 3.68
CA ALA C 98 3.32 -11.78 3.54
C ALA C 98 3.18 -10.78 4.69
N THR C 99 4.28 -10.10 4.97
CA THR C 99 4.29 -9.07 5.99
C THR C 99 5.35 -8.03 5.65
N TRP C 100 5.04 -6.77 5.93
CA TRP C 100 6.04 -5.72 5.81
C TRP C 100 7.04 -5.85 6.95
N ASP C 101 8.32 -5.68 6.63
CA ASP C 101 9.35 -5.68 7.65
C ASP C 101 9.25 -4.40 8.49
N GLY C 102 10.13 -4.28 9.48
CA GLY C 102 10.08 -3.13 10.37
C GLY C 102 10.27 -1.81 9.65
N ASP C 103 11.20 -1.78 8.69
CA ASP C 103 11.49 -0.57 7.94
C ASP C 103 10.37 -0.21 6.96
N TYR C 104 9.43 -1.12 6.71
CA TYR C 104 8.45 -0.96 5.63
C TYR C 104 9.14 -0.72 4.30
N TYR C 105 10.34 -1.29 4.14
CA TYR C 105 11.12 -1.18 2.92
C TYR C 105 10.72 -2.24 1.90
N LYS C 106 10.55 -3.48 2.35
CA LYS C 106 10.16 -4.58 1.49
C LYS C 106 9.08 -5.39 2.19
N LYS C 107 8.26 -6.06 1.39
CA LYS C 107 7.20 -6.92 1.90
C LYS C 107 7.64 -8.37 1.72
N LEU C 108 8.04 -9.00 2.81
CA LEU C 108 8.52 -10.38 2.74
C LEU C 108 7.34 -11.33 2.52
N PHE C 109 7.51 -12.26 1.60
CA PHE C 109 6.50 -13.27 1.30
C PHE C 109 6.93 -14.61 1.88
N GLY C 110 6.01 -15.26 2.59
CA GLY C 110 6.29 -16.55 3.18
C GLY C 110 6.18 -17.68 2.17
N SER C 111 6.40 -18.89 2.67
CA SER C 111 6.31 -20.07 1.81
C SER C 111 4.89 -20.24 1.29
N GLY C 112 4.77 -20.49 0.00
CA GLY C 112 3.47 -20.70 -0.61
C GLY C 112 3.06 -22.16 -0.61
N THR C 113 1.76 -22.39 -0.51
CA THR C 113 1.19 -23.73 -0.53
C THR C 113 0.21 -23.84 -1.69
N THR C 114 0.32 -24.91 -2.46
CA THR C 114 -0.52 -25.11 -3.64
C THR C 114 -1.74 -25.94 -3.25
N LEU C 115 -2.93 -25.38 -3.46
CA LEU C 115 -4.20 -26.04 -3.18
C LEU C 115 -4.84 -26.48 -4.49
N VAL C 116 -5.18 -27.76 -4.57
CA VAL C 116 -5.87 -28.33 -5.73
C VAL C 116 -7.24 -28.81 -5.27
N VAL C 117 -8.28 -28.37 -5.97
CA VAL C 117 -9.66 -28.71 -5.64
C VAL C 117 -10.25 -29.48 -6.80
N THR C 118 -10.81 -30.65 -6.51
CA THR C 118 -11.42 -31.51 -7.53
C THR C 118 -12.86 -31.80 -7.15
N GLU C 119 -13.69 -31.98 -8.18
CA GLU C 119 -15.10 -32.32 -7.95
C GLU C 119 -15.22 -33.67 -7.24
N ASP C 120 -14.44 -34.65 -7.67
CA ASP C 120 -14.45 -35.99 -7.08
C ASP C 120 -13.03 -36.38 -6.70
N LEU C 121 -12.90 -36.99 -5.52
CA LEU C 121 -11.60 -37.49 -5.07
C LEU C 121 -11.10 -38.66 -5.91
N LYS C 122 -11.95 -39.26 -6.74
CA LYS C 122 -11.51 -40.36 -7.60
C LYS C 122 -10.66 -39.90 -8.77
N ASN C 123 -10.30 -38.62 -8.85
CA ASN C 123 -9.50 -38.12 -9.96
C ASN C 123 -8.01 -38.11 -9.66
N VAL C 124 -7.62 -37.87 -8.40
CA VAL C 124 -6.21 -37.97 -8.04
C VAL C 124 -5.79 -39.43 -8.11
N PHE C 125 -4.66 -39.68 -8.77
CA PHE C 125 -4.13 -41.02 -8.91
C PHE C 125 -2.60 -40.99 -8.84
N PRO C 126 -1.98 -42.05 -8.33
CA PRO C 126 -0.51 -42.08 -8.22
C PRO C 126 0.13 -42.19 -9.58
N PRO C 127 1.38 -41.76 -9.73
CA PRO C 127 2.06 -41.86 -11.01
C PRO C 127 2.64 -43.25 -11.26
N GLU C 128 2.66 -43.62 -12.53
CA GLU C 128 3.40 -44.79 -13.00
C GLU C 128 4.69 -44.28 -13.64
N VAL C 129 5.83 -44.71 -13.10
CA VAL C 129 7.13 -44.21 -13.49
C VAL C 129 7.91 -45.32 -14.18
N ALA C 130 8.57 -44.98 -15.28
CA ALA C 130 9.35 -45.91 -16.06
C ALA C 130 10.69 -45.29 -16.42
N VAL C 131 11.74 -46.11 -16.36
CA VAL C 131 13.09 -45.71 -16.77
C VAL C 131 13.36 -46.29 -18.15
N PHE C 132 14.02 -45.50 -18.99
CA PHE C 132 14.31 -45.88 -20.37
C PHE C 132 15.82 -45.75 -20.58
N GLU C 133 16.42 -46.85 -21.03
CA GLU C 133 17.84 -46.98 -21.32
C GLU C 133 18.21 -46.21 -22.59
N PRO C 134 19.44 -45.72 -22.65
CA PRO C 134 19.84 -44.89 -23.80
C PRO C 134 19.91 -45.70 -25.09
N SER C 135 19.88 -44.97 -26.21
CA SER C 135 19.98 -45.60 -27.52
C SER C 135 21.38 -46.15 -27.76
N GLU C 136 21.44 -47.22 -28.56
CA GLU C 136 22.73 -47.81 -28.90
C GLU C 136 23.59 -46.85 -29.72
N ALA C 137 22.96 -46.11 -30.64
CA ALA C 137 23.70 -45.20 -31.50
C ALA C 137 24.43 -44.12 -30.73
N GLU C 138 23.99 -43.81 -29.50
CA GLU C 138 24.70 -42.83 -28.68
C GLU C 138 26.06 -43.32 -28.21
N ILE C 139 26.30 -44.64 -28.25
CA ILE C 139 27.57 -45.16 -27.76
C ILE C 139 28.72 -44.73 -28.66
N SER C 140 28.55 -44.85 -29.97
CA SER C 140 29.62 -44.53 -30.91
C SER C 140 29.56 -43.08 -31.40
N HIS C 141 28.38 -42.47 -31.43
CA HIS C 141 28.27 -41.11 -31.93
C HIS C 141 28.76 -40.08 -30.93
N THR C 142 28.51 -40.30 -29.64
CA THR C 142 28.83 -39.31 -28.61
C THR C 142 29.71 -39.83 -27.48
N GLN C 143 29.85 -41.15 -27.32
CA GLN C 143 30.55 -41.79 -26.21
C GLN C 143 29.91 -41.48 -24.86
N LYS C 144 28.73 -40.89 -24.85
CA LYS C 144 27.97 -40.61 -23.63
C LYS C 144 26.53 -41.05 -23.83
N ALA C 145 25.93 -41.57 -22.77
CA ALA C 145 24.59 -42.13 -22.81
C ALA C 145 23.62 -41.27 -22.00
N THR C 146 22.33 -41.41 -22.28
CA THR C 146 21.30 -40.58 -21.66
C THR C 146 20.11 -41.45 -21.25
N LEU C 147 19.97 -41.70 -19.95
CA LEU C 147 18.77 -42.33 -19.40
C LEU C 147 17.62 -41.34 -19.40
N VAL C 148 16.41 -41.84 -19.59
CA VAL C 148 15.22 -41.00 -19.61
C VAL C 148 14.18 -41.56 -18.65
N CYS C 149 13.71 -40.71 -17.73
CA CYS C 149 12.68 -41.10 -16.78
C CYS C 149 11.37 -40.46 -17.16
N LEU C 150 10.28 -41.22 -17.07
CA LEU C 150 8.95 -40.72 -17.44
C LEU C 150 7.93 -41.17 -16.41
N ALA C 151 7.26 -40.21 -15.79
CA ALA C 151 6.15 -40.47 -14.89
C ALA C 151 4.87 -40.04 -15.57
N THR C 152 3.84 -40.90 -15.54
CA THR C 152 2.62 -40.63 -16.27
C THR C 152 1.41 -41.02 -15.41
N GLY C 153 0.26 -40.47 -15.78
CA GLY C 153 -0.99 -40.81 -15.14
C GLY C 153 -1.11 -40.41 -13.68
N PHE C 154 -0.68 -39.19 -13.34
CA PHE C 154 -0.80 -38.68 -11.98
C PHE C 154 -1.52 -37.34 -11.99
N TYR C 155 -2.27 -37.10 -10.92
CA TYR C 155 -3.04 -35.88 -10.72
C TYR C 155 -3.07 -35.64 -9.22
N PRO C 156 -2.73 -34.44 -8.76
CA PRO C 156 -2.31 -33.29 -9.57
C PRO C 156 -0.83 -33.30 -9.91
N ASP C 157 -0.29 -32.14 -10.27
CA ASP C 157 1.10 -32.03 -10.71
C ASP C 157 2.11 -32.03 -9.57
N HIS C 158 1.66 -32.19 -8.32
CA HIS C 158 2.55 -32.12 -7.16
C HIS C 158 3.38 -33.40 -7.08
N VAL C 159 4.49 -33.40 -7.82
CA VAL C 159 5.44 -34.51 -7.81
C VAL C 159 6.85 -33.93 -7.72
N GLU C 160 7.75 -34.71 -7.13
CA GLU C 160 9.17 -34.34 -7.01
C GLU C 160 10.01 -35.52 -7.48
N LEU C 161 10.72 -35.34 -8.60
CA LEU C 161 11.50 -36.40 -9.22
C LEU C 161 12.96 -36.27 -8.84
N SER C 162 13.62 -37.42 -8.64
CA SER C 162 15.04 -37.43 -8.33
C SER C 162 15.67 -38.73 -8.79
N TRP C 163 16.93 -38.65 -9.20
CA TRP C 163 17.71 -39.81 -9.61
C TRP C 163 18.64 -40.24 -8.48
N TRP C 164 18.81 -41.55 -8.33
CA TRP C 164 19.69 -42.12 -7.33
C TRP C 164 20.56 -43.18 -8.00
N VAL C 165 21.87 -42.96 -7.98
CA VAL C 165 22.83 -43.87 -8.58
C VAL C 165 23.70 -44.45 -7.47
N ASN C 166 23.80 -45.78 -7.43
CA ASN C 166 24.57 -46.49 -6.40
C ASN C 166 24.10 -46.10 -5.00
N GLY C 167 22.79 -45.83 -4.86
CA GLY C 167 22.24 -45.46 -3.58
C GLY C 167 22.54 -44.06 -3.12
N LYS C 168 22.84 -43.15 -4.04
CA LYS C 168 23.11 -41.75 -3.69
C LYS C 168 22.36 -40.84 -4.65
N GLU C 169 21.70 -39.82 -4.10
CA GLU C 169 20.98 -38.87 -4.93
C GLU C 169 21.93 -38.14 -5.86
N VAL C 170 21.56 -38.05 -7.14
CA VAL C 170 22.43 -37.45 -8.14
C VAL C 170 22.37 -35.93 -8.03
N HIS C 171 23.42 -35.28 -8.54
CA HIS C 171 23.49 -33.82 -8.51
C HIS C 171 24.07 -33.23 -9.80
N SER C 172 24.19 -34.01 -10.87
CA SER C 172 24.83 -33.52 -12.08
C SER C 172 24.25 -34.22 -13.29
N GLY C 173 24.31 -33.53 -14.44
CA GLY C 173 23.92 -34.12 -15.70
C GLY C 173 22.46 -34.50 -15.83
N VAL C 174 21.57 -33.90 -15.05
CA VAL C 174 20.16 -34.24 -15.06
C VAL C 174 19.35 -32.97 -15.28
N CYS C 175 18.42 -33.02 -16.25
CA CYS C 175 17.51 -31.92 -16.54
C CYS C 175 16.07 -32.42 -16.48
N THR C 176 15.19 -31.61 -15.89
CA THR C 176 13.78 -31.93 -15.82
C THR C 176 12.96 -30.69 -16.19
N ASP C 177 11.97 -30.88 -17.06
CA ASP C 177 11.08 -29.78 -17.40
C ASP C 177 10.29 -29.37 -16.16
N PRO C 178 10.32 -28.10 -15.76
CA PRO C 178 9.67 -27.71 -14.50
C PRO C 178 8.19 -28.03 -14.44
N GLN C 179 7.47 -27.88 -15.55
CA GLN C 179 6.05 -28.15 -15.54
C GLN C 179 5.73 -29.42 -16.33
N PRO C 180 4.79 -30.23 -15.85
CA PRO C 180 4.42 -31.45 -16.59
C PRO C 180 3.56 -31.14 -17.80
N LEU C 181 3.34 -32.16 -18.61
CA LEU C 181 2.53 -32.07 -19.82
C LEU C 181 1.24 -32.85 -19.61
N LYS C 182 0.11 -32.18 -19.83
CA LYS C 182 -1.19 -32.80 -19.58
C LYS C 182 -1.45 -33.93 -20.57
N GLU C 183 -2.10 -34.99 -20.07
CA GLU C 183 -2.43 -36.13 -20.93
C GLU C 183 -3.40 -35.72 -22.03
N GLN C 184 -4.49 -35.06 -21.65
CA GLN C 184 -5.49 -34.59 -22.62
C GLN C 184 -6.06 -33.28 -22.08
N PRO C 185 -5.60 -32.14 -22.61
CA PRO C 185 -5.98 -30.84 -22.02
C PRO C 185 -7.45 -30.49 -22.14
N ALA C 186 -8.25 -31.27 -22.86
CA ALA C 186 -9.67 -30.95 -23.01
C ALA C 186 -10.39 -31.00 -21.67
N LEU C 187 -10.11 -32.03 -20.86
CA LEU C 187 -10.78 -32.18 -19.57
C LEU C 187 -10.11 -31.31 -18.52
N ASN C 188 -10.93 -30.69 -17.67
CA ASN C 188 -10.41 -29.90 -16.56
C ASN C 188 -9.61 -30.77 -15.60
N ASP C 189 -10.10 -31.97 -15.33
CA ASP C 189 -9.49 -32.90 -14.38
C ASP C 189 -8.36 -33.71 -14.99
N SER C 190 -7.77 -33.24 -16.09
CA SER C 190 -6.78 -34.02 -16.81
C SER C 190 -5.54 -34.27 -15.95
N ARG C 191 -5.06 -35.51 -16.00
CA ARG C 191 -3.80 -35.87 -15.36
C ARG C 191 -2.63 -35.47 -16.27
N TYR C 192 -1.48 -35.23 -15.65
CA TYR C 192 -0.30 -34.77 -16.35
C TYR C 192 0.79 -35.82 -16.31
N ALA C 193 1.84 -35.59 -17.11
CA ALA C 193 3.00 -36.46 -17.15
C ALA C 193 4.27 -35.62 -17.17
N LEU C 194 5.33 -36.16 -16.56
CA LEU C 194 6.61 -35.47 -16.42
C LEU C 194 7.72 -36.32 -17.01
N SER C 195 8.70 -35.64 -17.63
CA SER C 195 9.85 -36.30 -18.24
C SER C 195 11.13 -35.71 -17.68
N SER C 196 12.19 -36.52 -17.69
CA SER C 196 13.48 -36.08 -17.20
C SER C 196 14.58 -36.85 -17.93
N ARG C 197 15.75 -36.23 -18.03
CA ARG C 197 16.90 -36.83 -18.71
C ARG C 197 18.11 -36.78 -17.79
N LEU C 198 18.93 -37.84 -17.85
CA LEU C 198 20.10 -37.96 -16.99
C LEU C 198 21.23 -38.55 -17.82
N ARG C 199 22.31 -37.79 -17.96
CA ARG C 199 23.42 -38.16 -18.84
C ARG C 199 24.56 -38.77 -18.04
N VAL C 200 25.09 -39.90 -18.52
CA VAL C 200 26.21 -40.59 -17.92
C VAL C 200 27.26 -40.86 -19.00
N SER C 201 28.45 -41.24 -18.57
CA SER C 201 29.55 -41.55 -19.48
C SER C 201 29.56 -43.04 -19.82
N ALA C 202 30.41 -43.40 -20.80
CA ALA C 202 30.48 -44.79 -21.25
C ALA C 202 31.23 -45.69 -20.29
N THR C 203 32.00 -45.12 -19.35
CA THR C 203 32.71 -45.91 -18.36
C THR C 203 31.88 -46.22 -17.12
N PHE C 204 30.66 -45.70 -17.04
CA PHE C 204 29.75 -45.98 -15.93
C PHE C 204 28.46 -46.64 -16.37
N TRP C 205 27.93 -46.30 -17.54
CA TRP C 205 26.74 -46.97 -18.03
C TRP C 205 27.03 -48.38 -18.51
N GLN C 206 28.17 -48.58 -19.19
CA GLN C 206 28.56 -49.90 -19.65
C GLN C 206 28.90 -50.85 -18.51
N ASN C 207 29.08 -50.34 -17.30
CA ASN C 207 29.32 -51.20 -16.14
C ASN C 207 28.02 -51.88 -15.74
N PRO C 208 27.95 -53.21 -15.76
CA PRO C 208 26.72 -53.88 -15.33
C PRO C 208 26.36 -53.62 -13.88
N ARG C 209 27.34 -53.44 -13.00
CA ARG C 209 27.09 -53.23 -11.58
C ARG C 209 26.98 -51.74 -11.28
N ASN C 210 25.91 -51.15 -11.82
CA ASN C 210 25.63 -49.73 -11.61
C ASN C 210 24.12 -49.55 -11.69
N HIS C 211 23.51 -49.18 -10.57
CA HIS C 211 22.07 -49.05 -10.47
C HIS C 211 21.64 -47.63 -10.84
N PHE C 212 20.42 -47.51 -11.38
CA PHE C 212 19.84 -46.19 -11.68
C PHE C 212 18.38 -46.23 -11.25
N ARG C 213 18.04 -45.50 -10.18
CA ARG C 213 16.67 -45.50 -9.67
C ARG C 213 16.11 -44.09 -9.76
N CYS C 214 15.09 -43.92 -10.60
CA CYS C 214 14.36 -42.66 -10.69
C CYS C 214 13.11 -42.76 -9.84
N GLN C 215 13.02 -41.93 -8.81
CA GLN C 215 11.91 -41.96 -7.87
C GLN C 215 11.16 -40.63 -7.89
N VAL C 216 9.83 -40.71 -7.85
CA VAL C 216 8.98 -39.53 -7.77
C VAL C 216 8.19 -39.60 -6.46
N GLN C 217 8.30 -38.54 -5.67
CA GLN C 217 7.46 -38.34 -4.50
C GLN C 217 6.18 -37.65 -4.94
N PHE C 218 5.05 -38.34 -4.81
CA PHE C 218 3.76 -37.85 -5.25
C PHE C 218 2.94 -37.45 -4.03
N TYR C 219 2.34 -36.27 -4.08
CA TYR C 219 1.54 -35.75 -2.99
C TYR C 219 0.06 -35.90 -3.33
N GLY C 220 -0.66 -36.64 -2.50
CA GLY C 220 -2.07 -36.89 -2.71
C GLY C 220 -2.83 -36.98 -1.40
N LEU C 221 -3.73 -37.95 -1.31
CA LEU C 221 -4.54 -38.12 -0.13
C LEU C 221 -3.68 -38.67 1.02
N SER C 222 -4.29 -38.76 2.19
CA SER C 222 -3.60 -39.28 3.36
C SER C 222 -4.64 -39.93 4.27
N GLU C 223 -4.30 -40.14 5.53
CA GLU C 223 -5.27 -40.64 6.49
C GLU C 223 -6.41 -39.64 6.65
N ASN C 224 -7.58 -40.17 7.01
CA ASN C 224 -8.83 -39.43 7.21
C ASN C 224 -9.43 -38.97 5.89
N ASP C 225 -8.73 -39.23 4.78
CA ASP C 225 -9.26 -38.96 3.46
C ASP C 225 -10.09 -40.16 3.00
N GLU C 226 -11.40 -39.94 2.84
CA GLU C 226 -12.30 -41.04 2.50
C GLU C 226 -11.97 -41.58 1.11
N TRP C 227 -12.06 -42.91 0.98
CA TRP C 227 -11.81 -43.56 -0.30
C TRP C 227 -12.80 -44.71 -0.48
N THR C 228 -13.32 -44.83 -1.70
CA THR C 228 -14.28 -45.89 -2.04
C THR C 228 -13.94 -46.64 -3.31
N GLN C 229 -13.05 -46.12 -4.17
CA GLN C 229 -12.72 -46.78 -5.42
C GLN C 229 -12.01 -48.11 -5.17
N ASP C 230 -12.24 -49.06 -6.08
CA ASP C 230 -11.59 -50.36 -5.98
C ASP C 230 -10.11 -50.29 -6.32
N ARG C 231 -9.67 -49.25 -7.03
CA ARG C 231 -8.27 -49.08 -7.33
C ARG C 231 -7.48 -48.74 -6.06
N ALA C 232 -6.16 -48.78 -6.18
CA ALA C 232 -5.30 -48.47 -5.05
C ALA C 232 -5.51 -47.03 -4.59
N LYS C 233 -5.53 -46.84 -3.28
CA LYS C 233 -5.76 -45.52 -2.72
C LYS C 233 -4.60 -44.59 -3.08
N PRO C 234 -4.87 -43.42 -3.67
CA PRO C 234 -3.82 -42.52 -4.12
C PRO C 234 -3.19 -41.68 -3.01
N VAL C 235 -2.71 -42.37 -1.96
CA VAL C 235 -2.03 -41.70 -0.87
C VAL C 235 -0.72 -41.10 -1.37
N THR C 236 -0.29 -40.01 -0.75
CA THR C 236 1.03 -39.47 -1.01
C THR C 236 2.07 -40.54 -0.71
N GLN C 237 2.95 -40.78 -1.67
CA GLN C 237 3.84 -41.93 -1.59
C GLN C 237 5.00 -41.74 -2.56
N ILE C 238 6.03 -42.56 -2.38
CA ILE C 238 7.19 -42.57 -3.28
C ILE C 238 7.01 -43.74 -4.23
N VAL C 239 7.02 -43.45 -5.54
CA VAL C 239 6.93 -44.47 -6.57
C VAL C 239 8.16 -44.33 -7.45
N SER C 240 8.87 -45.45 -7.65
CA SER C 240 10.16 -45.41 -8.33
C SER C 240 10.24 -46.49 -9.39
N ALA C 241 11.04 -46.22 -10.41
CA ALA C 241 11.45 -47.20 -11.40
C ALA C 241 12.97 -47.27 -11.40
N GLU C 242 13.52 -48.34 -11.97
CA GLU C 242 14.95 -48.54 -11.89
C GLU C 242 15.44 -49.34 -13.09
N ALA C 243 16.76 -49.29 -13.29
CA ALA C 243 17.40 -49.91 -14.44
C ALA C 243 18.86 -50.18 -14.13
N TRP C 244 19.44 -51.05 -14.96
CA TRP C 244 20.85 -51.39 -14.92
C TRP C 244 21.42 -51.31 -16.32
N GLY C 245 22.71 -51.02 -16.42
CA GLY C 245 23.35 -50.87 -17.72
C GLY C 245 23.71 -52.20 -18.35
N ARG C 246 23.43 -52.31 -19.65
CA ARG C 246 23.81 -53.50 -20.40
C ARG C 246 25.32 -53.48 -20.64
N ALA C 247 25.95 -54.65 -20.46
CA ALA C 247 27.39 -54.75 -20.64
C ALA C 247 27.80 -54.44 -22.07
N ASP C 248 27.06 -54.97 -23.04
CA ASP C 248 27.36 -54.73 -24.45
C ASP C 248 26.71 -53.44 -24.95
N ALA D 2 -8.64 0.09 -7.38
CA ALA D 2 -7.50 0.93 -6.99
C ALA D 2 -6.73 1.40 -8.22
N GLN D 3 -5.53 0.87 -8.40
CA GLN D 3 -4.66 1.23 -9.52
C GLN D 3 -4.50 0.03 -10.44
N LYS D 4 -3.93 0.29 -11.62
CA LYS D 4 -3.77 -0.73 -12.64
C LYS D 4 -2.30 -1.01 -12.90
N VAL D 5 -1.97 -2.28 -13.18
CA VAL D 5 -0.62 -2.68 -13.54
C VAL D 5 -0.72 -3.65 -14.71
N THR D 6 0.12 -3.47 -15.72
CA THR D 6 0.09 -4.31 -16.90
C THR D 6 1.51 -4.53 -17.43
N GLN D 7 1.87 -5.81 -17.58
CA GLN D 7 3.05 -6.22 -18.34
C GLN D 7 2.59 -7.26 -19.35
N ALA D 8 2.83 -6.99 -20.63
CA ALA D 8 2.18 -7.74 -21.70
C ALA D 8 2.95 -8.98 -22.14
N GLN D 9 4.27 -9.00 -21.99
CA GLN D 9 5.07 -10.10 -22.51
C GLN D 9 4.79 -11.37 -21.72
N SER D 10 4.34 -12.41 -22.41
CA SER D 10 4.13 -13.70 -21.75
C SER D 10 5.46 -14.36 -21.41
N SER D 11 6.39 -14.38 -22.37
CA SER D 11 7.69 -15.00 -22.16
C SER D 11 8.69 -14.36 -23.11
N VAL D 12 9.97 -14.45 -22.75
CA VAL D 12 11.06 -13.87 -23.52
C VAL D 12 12.22 -14.87 -23.57
N SER D 13 13.22 -14.55 -24.38
CA SER D 13 14.39 -15.41 -24.54
C SER D 13 15.60 -14.54 -24.85
N MET D 14 16.75 -14.94 -24.30
CA MET D 14 18.02 -14.24 -24.54
C MET D 14 19.16 -15.17 -24.18
N PRO D 15 20.30 -15.07 -24.86
CA PRO D 15 21.40 -16.01 -24.61
C PRO D 15 22.12 -15.71 -23.29
N VAL D 16 22.97 -16.66 -22.90
CA VAL D 16 23.80 -16.46 -21.71
C VAL D 16 24.77 -15.33 -21.96
N ARG D 17 25.13 -14.63 -20.88
CA ARG D 17 26.03 -13.47 -20.94
C ARG D 17 25.46 -12.36 -21.83
N LYS D 18 24.14 -12.19 -21.76
CA LYS D 18 23.46 -11.13 -22.49
C LYS D 18 22.57 -10.35 -21.52
N ALA D 19 21.73 -9.47 -22.04
CA ALA D 19 20.86 -8.66 -21.21
C ALA D 19 19.47 -8.60 -21.83
N VAL D 20 18.47 -8.30 -21.00
CA VAL D 20 17.10 -8.13 -21.47
C VAL D 20 16.36 -7.26 -20.47
N THR D 21 15.27 -6.65 -20.93
CA THR D 21 14.46 -5.74 -20.14
C THR D 21 13.01 -6.20 -20.15
N LEU D 22 12.39 -6.20 -18.96
CA LEU D 22 10.97 -6.48 -18.80
C LEU D 22 10.24 -5.17 -18.52
N ASN D 23 9.17 -4.92 -19.27
CA ASN D 23 8.43 -3.67 -19.17
C ASN D 23 7.29 -3.79 -18.17
N CYS D 24 6.93 -2.66 -17.58
CA CYS D 24 5.86 -2.62 -16.58
C CYS D 24 5.19 -1.25 -16.67
N LEU D 25 3.93 -1.24 -17.11
CA LEU D 25 3.18 0.00 -17.26
C LEU D 25 2.08 0.05 -16.20
N TYR D 26 2.15 1.07 -15.35
CA TYR D 26 1.19 1.22 -14.26
C TYR D 26 0.37 2.49 -14.44
N GLU D 27 -0.80 2.50 -13.80
CA GLU D 27 -1.72 3.63 -13.85
C GLU D 27 -2.22 3.84 -12.42
N THR D 28 -1.70 4.87 -11.76
CA THR D 28 -2.01 5.14 -10.37
C THR D 28 -2.34 6.62 -10.20
N SER D 29 -2.93 6.94 -9.04
CA SER D 29 -3.26 8.31 -8.67
C SER D 29 -2.55 8.75 -7.39
N TRP D 30 -1.50 8.03 -7.00
CA TRP D 30 -0.74 8.36 -5.80
C TRP D 30 0.46 9.23 -6.17
N TRP D 31 0.60 10.37 -5.50
CA TRP D 31 1.73 11.25 -5.76
C TRP D 31 3.03 10.73 -5.15
N SER D 32 2.95 9.82 -4.18
CA SER D 32 4.11 9.14 -3.64
C SER D 32 3.80 7.65 -3.56
N TYR D 33 4.68 6.82 -4.11
CA TYR D 33 4.41 5.39 -4.24
C TYR D 33 5.72 4.64 -4.37
N TYR D 34 5.62 3.32 -4.23
CA TYR D 34 6.75 2.41 -4.42
C TYR D 34 6.41 1.42 -5.53
N ILE D 35 7.42 1.09 -6.34
CA ILE D 35 7.31 0.06 -7.36
C ILE D 35 8.27 -1.06 -7.00
N PHE D 36 7.75 -2.24 -6.72
CA PHE D 36 8.57 -3.38 -6.31
C PHE D 36 8.69 -4.37 -7.46
N TRP D 37 9.88 -4.96 -7.60
CA TRP D 37 10.10 -6.05 -8.53
C TRP D 37 10.36 -7.33 -7.76
N TYR D 38 9.67 -8.41 -8.13
CA TYR D 38 9.80 -9.71 -7.48
C TYR D 38 10.05 -10.79 -8.53
N LYS D 39 10.65 -11.88 -8.07
CA LYS D 39 10.90 -13.05 -8.92
C LYS D 39 10.22 -14.27 -8.30
N GLN D 40 9.55 -15.05 -9.14
CA GLN D 40 8.90 -16.29 -8.74
C GLN D 40 9.69 -17.45 -9.34
N LEU D 41 10.23 -18.29 -8.46
CA LEU D 41 10.96 -19.49 -8.85
C LEU D 41 9.99 -20.59 -9.27
N PRO D 42 10.48 -21.61 -9.98
CA PRO D 42 9.61 -22.75 -10.30
C PRO D 42 9.03 -23.45 -9.09
N SER D 43 9.68 -23.33 -7.92
CA SER D 43 9.19 -23.92 -6.68
C SER D 43 8.17 -23.05 -5.96
N LYS D 44 7.61 -22.05 -6.64
CA LYS D 44 6.59 -21.16 -6.09
C LYS D 44 7.10 -20.45 -4.83
N GLU D 45 8.14 -19.64 -5.02
CA GLU D 45 8.74 -18.86 -3.94
C GLU D 45 8.99 -17.45 -4.44
N MET D 46 8.62 -16.47 -3.63
CA MET D 46 8.76 -15.06 -3.98
C MET D 46 10.03 -14.50 -3.37
N ILE D 47 10.84 -13.83 -4.19
CA ILE D 47 12.11 -13.25 -3.78
C ILE D 47 12.07 -11.75 -4.06
N PHE D 48 12.37 -10.95 -3.05
CA PHE D 48 12.46 -9.50 -3.25
C PHE D 48 13.69 -9.18 -4.09
N LEU D 49 13.50 -8.31 -5.09
CA LEU D 49 14.57 -7.93 -5.99
C LEU D 49 15.01 -6.48 -5.80
N ILE D 50 14.08 -5.53 -5.93
CA ILE D 50 14.43 -4.12 -5.78
C ILE D 50 13.16 -3.32 -5.57
N ARG D 51 13.31 -2.19 -4.87
CA ARG D 51 12.25 -1.21 -4.64
C ARG D 51 12.59 0.08 -5.37
N GLN D 52 11.58 0.75 -5.89
CA GLN D 52 11.74 1.94 -6.72
C GLN D 52 10.89 3.05 -6.15
N GLY D 53 11.52 4.19 -5.86
CA GLY D 53 10.85 5.33 -5.25
C GLY D 53 10.39 6.33 -6.29
N SER D 54 9.18 6.86 -6.08
CA SER D 54 8.63 7.86 -7.00
C SER D 54 9.46 9.14 -7.01
N ASP D 55 9.86 9.61 -5.82
CA ASP D 55 10.71 10.78 -5.69
C ASP D 55 12.19 10.42 -5.59
N GLU D 56 12.59 9.29 -6.17
CA GLU D 56 13.97 8.84 -6.12
C GLU D 56 14.46 8.59 -7.54
N GLN D 57 15.78 8.64 -7.71
CA GLN D 57 16.40 8.40 -9.00
C GLN D 57 16.27 6.94 -9.39
N ASN D 58 16.57 6.65 -10.66
CA ASN D 58 16.52 5.29 -11.18
C ASN D 58 17.38 4.35 -10.35
N ALA D 59 16.75 3.39 -9.67
CA ALA D 59 17.49 2.44 -8.85
C ALA D 59 18.28 1.47 -9.73
N LYS D 60 19.56 1.32 -9.43
CA LYS D 60 20.46 0.46 -10.19
C LYS D 60 21.29 -0.38 -9.24
N SER D 61 20.63 -0.97 -8.24
CA SER D 61 21.33 -1.79 -7.26
C SER D 61 21.57 -3.20 -7.81
N GLY D 62 22.78 -3.71 -7.57
CA GLY D 62 23.13 -5.04 -8.02
C GLY D 62 23.15 -5.16 -9.53
N ARG D 63 22.83 -6.36 -10.01
CA ARG D 63 22.77 -6.64 -11.44
C ARG D 63 21.45 -6.23 -12.07
N TYR D 64 20.66 -5.40 -11.38
CA TYR D 64 19.37 -4.94 -11.88
C TYR D 64 19.38 -3.42 -12.00
N SER D 65 18.69 -2.92 -13.02
CA SER D 65 18.49 -1.48 -13.17
C SER D 65 17.04 -1.23 -13.50
N VAL D 66 16.55 -0.05 -13.16
CA VAL D 66 15.18 0.33 -13.47
C VAL D 66 15.17 1.67 -14.20
N ASN D 67 14.17 1.83 -15.06
CA ASN D 67 13.96 3.04 -15.84
C ASN D 67 12.64 3.65 -15.43
N PHE D 68 12.68 4.92 -15.02
CA PHE D 68 11.51 5.68 -14.59
C PHE D 68 11.07 6.60 -15.71
N LYS D 69 10.10 6.17 -16.50
CA LYS D 69 9.31 7.08 -17.32
C LYS D 69 8.13 7.56 -16.48
N LYS D 70 8.47 8.38 -15.48
CA LYS D 70 7.49 8.81 -14.49
C LYS D 70 6.36 9.60 -15.14
N ALA D 71 6.69 10.44 -16.10
CA ALA D 71 5.65 11.11 -16.89
C ALA D 71 4.82 10.11 -17.67
N ALA D 72 5.46 9.11 -18.26
CA ALA D 72 4.77 8.05 -18.98
C ALA D 72 4.35 6.90 -18.10
N LYS D 73 4.71 6.92 -16.81
CA LYS D 73 4.35 5.89 -15.85
C LYS D 73 4.84 4.52 -16.29
N SER D 74 6.15 4.40 -16.45
CA SER D 74 6.79 3.16 -16.84
C SER D 74 7.96 2.87 -15.90
N VAL D 75 8.01 1.65 -15.37
CA VAL D 75 9.13 1.20 -14.56
C VAL D 75 9.69 -0.04 -15.24
N ALA D 76 10.78 0.14 -15.99
CA ALA D 76 11.37 -0.94 -16.77
C ALA D 76 12.51 -1.58 -15.99
N LEU D 77 12.59 -2.92 -16.02
CA LEU D 77 13.60 -3.67 -15.27
C LEU D 77 14.56 -4.32 -16.25
N THR D 78 15.80 -3.86 -16.26
CA THR D 78 16.85 -4.43 -17.09
C THR D 78 17.78 -5.29 -16.24
N ILE D 79 18.05 -6.51 -16.69
CA ILE D 79 18.94 -7.41 -15.99
C ILE D 79 20.24 -7.53 -16.78
N SER D 80 21.32 -7.83 -16.06
CA SER D 80 22.66 -7.86 -16.63
C SER D 80 23.36 -9.16 -16.26
N ALA D 81 24.29 -9.58 -17.12
CA ALA D 81 25.07 -10.80 -16.94
C ALA D 81 24.15 -12.01 -16.78
N LEU D 82 23.42 -12.28 -17.87
CA LEU D 82 22.38 -13.30 -17.85
C LEU D 82 22.95 -14.66 -17.50
N GLN D 83 22.49 -15.22 -16.38
CA GLN D 83 22.90 -16.52 -15.89
C GLN D 83 21.76 -17.52 -16.04
N LEU D 84 22.05 -18.78 -15.72
CA LEU D 84 21.03 -19.81 -15.81
C LEU D 84 20.04 -19.70 -14.66
N GLU D 85 20.51 -19.36 -13.46
CA GLU D 85 19.63 -19.26 -12.30
C GLU D 85 18.63 -18.12 -12.43
N ASP D 86 18.91 -17.11 -13.26
CA ASP D 86 18.03 -15.97 -13.41
C ASP D 86 16.76 -16.29 -14.20
N SER D 87 16.55 -17.54 -14.60
CA SER D 87 15.36 -17.93 -15.34
C SER D 87 14.22 -18.18 -14.35
N ALA D 88 13.23 -17.29 -14.38
CA ALA D 88 12.09 -17.37 -13.46
C ALA D 88 10.95 -16.55 -14.04
N LYS D 89 9.90 -16.33 -13.26
CA LYS D 89 8.76 -15.52 -13.68
C LYS D 89 8.79 -14.21 -12.89
N TYR D 90 9.00 -13.10 -13.59
CA TYR D 90 9.23 -11.82 -12.93
C TYR D 90 7.96 -10.98 -12.90
N PHE D 91 7.64 -10.44 -11.73
CA PHE D 91 6.44 -9.66 -11.49
C PHE D 91 6.80 -8.26 -11.03
N CYS D 92 5.96 -7.29 -11.40
CA CYS D 92 6.07 -5.93 -10.92
C CYS D 92 4.79 -5.54 -10.21
N ALA D 93 4.92 -4.84 -9.09
CA ALA D 93 3.77 -4.38 -8.33
C ALA D 93 4.04 -2.97 -7.82
N LEU D 94 3.00 -2.33 -7.29
CA LEU D 94 3.18 -1.01 -6.69
C LEU D 94 2.37 -0.94 -5.40
N GLY D 95 2.85 -0.10 -4.48
CA GLY D 95 2.20 0.08 -3.21
C GLY D 95 2.30 1.53 -2.75
N GLU D 96 1.54 1.85 -1.72
CA GLU D 96 1.53 3.20 -1.17
C GLU D 96 2.80 3.44 -0.35
N LEU D 97 3.54 4.49 -0.71
CA LEU D 97 4.74 4.83 0.04
C LEU D 97 4.39 5.30 1.46
N ARG D 98 3.38 6.16 1.57
CA ARG D 98 3.04 6.74 2.87
C ARG D 98 2.37 5.72 3.77
N TRP D 99 1.50 4.88 3.22
CA TRP D 99 0.72 3.91 3.98
C TRP D 99 0.89 2.54 3.33
N PRO D 100 1.99 1.84 3.61
CA PRO D 100 2.23 0.55 2.98
C PRO D 100 1.10 -0.43 3.26
N ASP D 101 0.62 -1.06 2.21
CA ASP D 101 -0.53 -1.96 2.25
C ASP D 101 -0.34 -3.00 1.15
N LYS D 102 -1.43 -3.65 0.74
CA LYS D 102 -1.41 -4.68 -0.29
C LYS D 102 -0.72 -4.20 -1.57
N LEU D 103 -0.24 -5.14 -2.38
CA LEU D 103 0.49 -4.82 -3.61
C LEU D 103 -0.37 -5.16 -4.81
N ILE D 104 -0.47 -4.22 -5.75
CA ILE D 104 -1.21 -4.42 -6.99
C ILE D 104 -0.23 -5.01 -7.99
N PHE D 105 -0.32 -6.32 -8.19
CA PHE D 105 0.61 -7.02 -9.06
C PHE D 105 0.16 -6.96 -10.53
N GLY D 106 1.09 -7.27 -11.42
CA GLY D 106 0.80 -7.44 -12.82
C GLY D 106 0.60 -8.91 -13.18
N LYS D 107 0.29 -9.14 -14.45
CA LYS D 107 0.04 -10.50 -14.94
C LYS D 107 1.27 -11.38 -14.89
N GLY D 108 2.46 -10.79 -14.88
CA GLY D 108 3.70 -11.55 -14.78
C GLY D 108 4.32 -11.79 -16.15
N THR D 109 5.61 -12.12 -16.13
CA THR D 109 6.37 -12.39 -17.35
C THR D 109 7.47 -13.38 -17.05
N ARG D 110 7.47 -14.50 -17.76
CA ARG D 110 8.50 -15.52 -17.61
C ARG D 110 9.69 -15.19 -18.51
N VAL D 111 10.87 -15.63 -18.07
CA VAL D 111 12.10 -15.49 -18.86
C VAL D 111 12.69 -16.88 -19.07
N THR D 112 13.17 -17.12 -20.28
CA THR D 112 13.81 -18.39 -20.64
C THR D 112 15.19 -18.07 -21.20
N VAL D 113 16.24 -18.40 -20.43
CA VAL D 113 17.60 -18.11 -20.84
C VAL D 113 18.01 -19.09 -21.93
N GLU D 114 18.41 -18.57 -23.08
CA GLU D 114 18.91 -19.43 -24.14
C GLU D 114 20.23 -20.06 -23.71
N PRO D 115 20.41 -21.35 -23.93
CA PRO D 115 21.59 -22.04 -23.40
C PRO D 115 22.88 -21.56 -24.03
N ASN D 116 23.97 -21.72 -23.28
CA ASN D 116 25.31 -21.33 -23.71
C ASN D 116 25.70 -22.07 -24.99
N ASN D 119 29.85 -26.65 -32.16
CA ASN D 119 29.39 -27.39 -30.99
C ASN D 119 27.98 -27.98 -31.12
N PRO D 120 26.98 -27.20 -31.59
CA PRO D 120 25.65 -27.79 -31.76
C PRO D 120 25.66 -28.88 -32.81
N ASP D 121 24.81 -29.89 -32.58
CA ASP D 121 24.74 -31.06 -33.47
C ASP D 121 23.37 -31.69 -33.32
N PRO D 122 22.41 -31.36 -34.18
CA PRO D 122 21.07 -31.92 -34.05
C PRO D 122 21.06 -33.44 -34.23
N ALA D 123 20.20 -34.10 -33.47
CA ALA D 123 20.05 -35.55 -33.53
C ALA D 123 18.76 -35.95 -32.85
N VAL D 124 18.29 -37.16 -33.16
CA VAL D 124 17.10 -37.72 -32.53
C VAL D 124 17.26 -39.23 -32.40
N TYR D 125 17.27 -39.74 -31.17
CA TYR D 125 17.42 -41.16 -30.88
C TYR D 125 16.10 -41.75 -30.38
N GLN D 126 16.11 -43.05 -30.14
CA GLN D 126 14.96 -43.76 -29.59
C GLN D 126 15.38 -44.60 -28.40
N LEU D 127 14.46 -44.76 -27.45
CA LEU D 127 14.73 -45.48 -26.21
C LEU D 127 13.53 -46.35 -25.86
N ARG D 128 13.80 -47.43 -25.11
CA ARG D 128 12.80 -48.43 -24.74
C ARG D 128 12.77 -48.61 -23.23
N ASP D 129 11.74 -49.29 -22.75
CA ASP D 129 11.51 -49.46 -21.32
C ASP D 129 12.54 -50.41 -20.72
N SER D 130 12.73 -50.29 -19.40
CA SER D 130 13.74 -51.06 -18.67
C SER D 130 13.13 -52.27 -17.97
N LYS D 131 12.11 -52.06 -17.14
CA LYS D 131 11.53 -53.16 -16.38
C LYS D 131 10.89 -54.19 -17.30
N SER D 132 10.25 -53.75 -18.37
CA SER D 132 9.62 -54.65 -19.33
C SER D 132 9.81 -54.05 -20.72
N SER D 133 9.12 -54.66 -21.69
CA SER D 133 9.15 -54.20 -23.07
C SER D 133 7.91 -53.35 -23.36
N ASP D 134 7.68 -53.07 -24.64
CA ASP D 134 6.47 -52.39 -25.13
C ASP D 134 6.40 -50.95 -24.63
N LYS D 135 7.46 -50.19 -24.88
CA LYS D 135 7.46 -48.76 -24.62
C LYS D 135 8.54 -48.12 -25.46
N SER D 136 8.20 -47.02 -26.15
CA SER D 136 9.13 -46.35 -27.04
C SER D 136 9.03 -44.85 -26.85
N VAL D 137 10.19 -44.19 -26.72
CA VAL D 137 10.27 -42.73 -26.64
C VAL D 137 11.34 -42.26 -27.60
N CYS D 138 11.25 -40.99 -27.99
CA CYS D 138 12.22 -40.37 -28.88
C CYS D 138 12.86 -39.18 -28.18
N LEU D 139 14.12 -38.93 -28.52
CA LEU D 139 14.91 -37.90 -27.85
C LEU D 139 15.59 -37.02 -28.89
N PHE D 140 15.72 -35.74 -28.56
CA PHE D 140 16.46 -34.78 -29.38
C PHE D 140 17.51 -34.13 -28.48
N THR D 141 18.78 -34.27 -28.87
CA THR D 141 19.89 -33.73 -28.09
C THR D 141 20.51 -32.55 -28.83
N ASP D 142 21.34 -31.80 -28.09
CA ASP D 142 21.99 -30.60 -28.61
C ASP D 142 20.92 -29.62 -29.11
N PHE D 143 20.88 -29.33 -30.41
CA PHE D 143 19.90 -28.41 -30.99
C PHE D 143 20.08 -27.07 -30.28
N ASP D 144 19.02 -26.43 -29.79
CA ASP D 144 19.08 -25.20 -29.01
C ASP D 144 19.49 -24.01 -29.87
N SER D 145 19.87 -24.26 -31.12
CA SER D 145 20.03 -23.23 -32.13
C SER D 145 18.79 -23.13 -33.01
N GLN D 146 18.23 -24.26 -33.42
CA GLN D 146 16.89 -24.33 -34.00
C GLN D 146 15.90 -24.56 -32.87
N THR D 147 15.65 -23.49 -32.11
CA THR D 147 14.84 -23.57 -30.89
C THR D 147 13.37 -23.79 -31.16
N ASN D 148 12.98 -24.00 -32.42
CA ASN D 148 11.58 -24.23 -32.77
C ASN D 148 11.23 -25.67 -32.41
N VAL D 149 10.81 -25.86 -31.16
CA VAL D 149 10.42 -27.15 -30.63
C VAL D 149 8.90 -27.20 -30.59
N SER D 150 8.32 -28.11 -31.36
CA SER D 150 6.86 -28.25 -31.41
C SER D 150 6.48 -29.65 -31.86
N SER D 155 -1.79 -34.88 -33.13
CA SER D 155 -2.68 -35.89 -32.56
C SER D 155 -2.33 -36.17 -31.11
N ASP D 156 -2.06 -37.44 -30.79
CA ASP D 156 -1.69 -37.86 -29.45
C ASP D 156 -0.18 -37.92 -29.25
N VAL D 157 0.58 -37.12 -29.99
CA VAL D 157 2.04 -37.10 -29.89
C VAL D 157 2.40 -36.08 -28.82
N TYR D 158 2.74 -36.58 -27.63
CA TYR D 158 3.13 -35.71 -26.52
C TYR D 158 4.62 -35.39 -26.63
N ILE D 159 4.95 -34.10 -26.70
CA ILE D 159 6.33 -33.65 -26.85
C ILE D 159 6.65 -32.73 -25.67
N THR D 160 7.71 -33.06 -24.94
CA THR D 160 8.17 -32.19 -23.85
C THR D 160 8.95 -31.02 -24.43
N ASP D 161 8.75 -29.85 -23.82
CA ASP D 161 9.43 -28.65 -24.29
C ASP D 161 10.94 -28.76 -24.10
N LYS D 162 11.66 -27.77 -24.64
CA LYS D 162 13.11 -27.75 -24.56
C LYS D 162 13.57 -27.76 -23.11
N CYS D 163 14.54 -28.61 -22.80
CA CYS D 163 15.04 -28.79 -21.46
C CYS D 163 16.14 -27.77 -21.15
N VAL D 164 16.51 -27.70 -19.87
CA VAL D 164 17.60 -26.84 -19.44
C VAL D 164 18.92 -27.61 -19.49
N ASP D 166 19.93 -27.46 -13.86
CA ASP D 166 19.56 -27.93 -12.53
C ASP D 166 20.78 -28.54 -11.83
N MET D 167 21.81 -27.72 -11.64
CA MET D 167 23.12 -28.15 -11.14
C MET D 167 23.76 -29.13 -12.11
N ARG D 168 23.13 -29.32 -13.27
CA ARG D 168 23.65 -30.17 -14.32
C ARG D 168 24.57 -29.44 -15.28
N SER D 169 24.89 -28.17 -14.99
CA SER D 169 25.81 -27.40 -15.82
C SER D 169 27.21 -28.00 -15.84
N MET D 170 27.53 -28.89 -14.89
CA MET D 170 28.81 -29.60 -14.95
C MET D 170 28.97 -30.34 -16.27
N ASP D 171 27.94 -31.07 -16.68
CA ASP D 171 27.87 -31.62 -18.02
C ASP D 171 27.30 -30.59 -18.98
N PHE D 172 27.58 -30.78 -20.27
CA PHE D 172 27.10 -29.87 -21.29
C PHE D 172 25.58 -29.84 -21.31
N LYS D 173 25.03 -28.80 -21.93
CA LYS D 173 23.58 -28.62 -21.95
C LYS D 173 22.88 -29.81 -22.58
N SER D 174 23.28 -30.17 -23.80
CA SER D 174 22.68 -31.26 -24.56
C SER D 174 21.16 -31.24 -24.44
N ASN D 175 20.57 -30.12 -24.87
CA ASN D 175 19.16 -29.84 -24.66
C ASN D 175 18.29 -31.02 -25.10
N SER D 176 17.59 -31.62 -24.15
CA SER D 176 16.92 -32.89 -24.38
C SER D 176 15.42 -32.63 -24.51
N ALA D 177 14.94 -32.66 -25.75
CA ALA D 177 13.51 -32.58 -26.04
C ALA D 177 13.01 -34.00 -26.29
N VAL D 178 12.19 -34.50 -25.38
CA VAL D 178 11.72 -35.88 -25.45
C VAL D 178 10.28 -35.88 -25.93
N ALA D 179 9.91 -36.96 -26.63
CA ALA D 179 8.57 -37.13 -27.15
C ALA D 179 8.15 -38.58 -26.98
N TRP D 180 6.85 -38.81 -26.88
CA TRP D 180 6.33 -40.15 -26.65
C TRP D 180 4.85 -40.18 -26.99
N SER D 181 4.39 -41.33 -27.47
CA SER D 181 2.99 -41.52 -27.85
C SER D 181 2.55 -42.96 -27.64
#